data_2K0S
#
_entry.id   2K0S
#
_entity_poly.entity_id   1
_entity_poly.type   'polypeptide(L)'
_entity_poly.pdbx_seq_one_letter_code
;GHHHHHHLEDADAEFDIVIGNIEDIIMEDEFQHLQQSFMEKYYLEFDDSEENKLSYTPIFNEYIEILEKHLEQQLVERIP
GFNMDAFTHSLKQHKDEVSGDILDMLLTFTDFMAFKEMFTDYRAEKEGRG
;
_entity_poly.pdbx_strand_id   A
#
# COMPACT_ATOMS: atom_id res chain seq x y z
N GLY A 1 -18.28 -0.91 7.85
CA GLY A 1 -17.86 -0.28 6.60
C GLY A 1 -19.02 0.08 5.72
N HIS A 2 -19.11 1.36 5.34
CA HIS A 2 -20.19 1.84 4.48
C HIS A 2 -19.93 3.28 4.05
N HIS A 3 -18.67 3.58 3.76
CA HIS A 3 -18.29 4.93 3.32
C HIS A 3 -17.32 4.86 2.14
N HIS A 4 -17.03 6.02 1.57
CA HIS A 4 -16.11 6.10 0.44
C HIS A 4 -15.84 7.55 0.06
N HIS A 5 -14.61 8.00 0.33
CA HIS A 5 -14.22 9.38 0.01
C HIS A 5 -12.77 9.64 0.39
N HIS A 6 -12.22 10.73 -0.10
CA HIS A 6 -10.83 11.09 0.19
C HIS A 6 -10.76 12.44 0.88
N HIS A 7 -9.76 12.61 1.74
CA HIS A 7 -9.57 13.85 2.48
C HIS A 7 -8.35 13.77 3.39
N LEU A 8 -8.19 14.78 4.24
CA LEU A 8 -7.05 14.83 5.16
C LEU A 8 -5.74 14.91 4.41
N GLU A 9 -4.69 15.34 5.11
CA GLU A 9 -3.37 15.47 4.50
C GLU A 9 -2.35 15.96 5.52
N ASP A 10 -2.41 17.24 5.84
CA ASP A 10 -1.50 17.84 6.81
C ASP A 10 -1.45 17.02 8.10
N ALA A 11 -2.59 16.43 8.44
CA ALA A 11 -2.68 15.61 9.65
C ALA A 11 -1.82 14.37 9.55
N ASP A 12 -2.05 13.58 8.50
CA ASP A 12 -1.29 12.35 8.28
C ASP A 12 -0.60 12.38 6.92
N ALA A 13 0.56 13.03 6.87
CA ALA A 13 1.32 13.12 5.63
C ALA A 13 1.74 11.74 5.12
N GLU A 14 2.32 10.94 6.01
CA GLU A 14 2.76 9.61 5.65
C GLU A 14 1.64 8.82 4.97
N PHE A 15 0.43 8.98 5.49
CA PHE A 15 -0.73 8.28 4.93
C PHE A 15 -0.92 8.63 3.45
N ASP A 16 -1.02 9.93 3.17
CA ASP A 16 -1.20 10.41 1.80
C ASP A 16 -0.05 9.94 0.92
N ILE A 17 1.14 9.86 1.49
CA ILE A 17 2.32 9.45 0.76
C ILE A 17 2.17 8.02 0.25
N VAL A 18 1.93 7.09 1.17
CA VAL A 18 1.76 5.68 0.82
C VAL A 18 0.55 5.48 -0.06
N ILE A 19 -0.49 6.27 0.18
CA ILE A 19 -1.72 6.18 -0.59
C ILE A 19 -1.45 6.43 -2.07
N GLY A 20 -0.87 7.59 -2.37
CA GLY A 20 -0.57 7.93 -3.76
C GLY A 20 0.34 6.93 -4.42
N ASN A 21 1.47 6.63 -3.77
CA ASN A 21 2.43 5.68 -4.30
C ASN A 21 1.81 4.29 -4.44
N ILE A 22 0.82 4.01 -3.59
CA ILE A 22 0.14 2.72 -3.63
C ILE A 22 -0.61 2.52 -4.93
N GLU A 23 -1.37 3.54 -5.34
CA GLU A 23 -2.14 3.48 -6.58
C GLU A 23 -1.21 3.36 -7.79
N ASP A 24 -0.01 3.91 -7.66
CA ASP A 24 0.96 3.86 -8.74
C ASP A 24 1.73 2.53 -8.74
N ILE A 25 2.19 2.14 -7.56
CA ILE A 25 2.93 0.88 -7.43
C ILE A 25 2.09 -0.31 -7.88
N ILE A 26 0.77 -0.10 -7.95
CA ILE A 26 -0.14 -1.16 -8.37
C ILE A 26 0.42 -1.91 -9.58
N MET A 27 1.25 -1.24 -10.37
CA MET A 27 1.86 -1.85 -11.55
C MET A 27 3.23 -2.40 -11.22
N GLU A 28 3.92 -1.74 -10.28
CA GLU A 28 5.27 -2.17 -9.88
C GLU A 28 5.39 -2.22 -8.37
N ASP A 29 5.82 -3.37 -7.86
CA ASP A 29 5.99 -3.56 -6.42
C ASP A 29 7.28 -2.91 -5.93
N GLU A 30 8.36 -3.17 -6.65
CA GLU A 30 9.67 -2.62 -6.28
C GLU A 30 9.55 -1.13 -5.98
N PHE A 31 8.82 -0.41 -6.82
CA PHE A 31 8.64 1.03 -6.65
C PHE A 31 8.22 1.35 -5.23
N GLN A 32 7.33 0.54 -4.67
CA GLN A 32 6.85 0.74 -3.31
C GLN A 32 7.95 0.46 -2.30
N HIS A 33 8.71 -0.59 -2.54
CA HIS A 33 9.81 -0.97 -1.65
C HIS A 33 10.71 0.23 -1.35
N LEU A 34 11.03 0.99 -2.39
CA LEU A 34 11.88 2.17 -2.24
C LEU A 34 11.13 3.30 -1.54
N GLN A 35 10.00 3.70 -2.14
CA GLN A 35 9.19 4.78 -1.59
C GLN A 35 8.81 4.47 -0.13
N GLN A 36 8.17 3.34 0.07
CA GLN A 36 7.74 2.93 1.42
C GLN A 36 8.91 2.99 2.39
N SER A 37 10.02 2.34 2.02
CA SER A 37 11.21 2.31 2.86
C SER A 37 11.60 3.71 3.30
N PHE A 38 11.46 4.68 2.39
CA PHE A 38 11.80 6.06 2.68
C PHE A 38 10.87 6.64 3.75
N MET A 39 9.57 6.53 3.52
CA MET A 39 8.59 7.03 4.46
C MET A 39 8.68 6.31 5.80
N GLU A 40 8.99 5.02 5.74
CA GLU A 40 9.12 4.21 6.95
C GLU A 40 10.24 4.74 7.85
N LYS A 41 11.44 4.86 7.28
CA LYS A 41 12.58 5.35 8.02
C LYS A 41 12.32 6.75 8.56
N TYR A 42 11.80 7.63 7.70
CA TYR A 42 11.50 9.00 8.09
C TYR A 42 10.48 9.03 9.22
N TYR A 43 9.37 8.32 9.03
CA TYR A 43 8.31 8.28 10.03
C TYR A 43 8.83 7.69 11.34
N LEU A 44 9.39 6.49 11.27
CA LEU A 44 9.93 5.82 12.45
C LEU A 44 10.98 6.68 13.13
N GLU A 45 11.67 7.50 12.34
CA GLU A 45 12.71 8.38 12.88
C GLU A 45 12.14 9.74 13.24
N PHE A 46 10.81 9.82 13.30
CA PHE A 46 10.12 11.07 13.64
C PHE A 46 9.01 10.82 14.65
N ASP A 47 7.87 10.35 14.15
CA ASP A 47 6.72 10.07 15.00
C ASP A 47 5.97 8.84 14.53
N ASP A 48 4.82 8.58 15.13
CA ASP A 48 4.01 7.41 14.77
C ASP A 48 2.54 7.81 14.61
N SER A 49 1.67 6.81 14.50
CA SER A 49 0.25 7.05 14.33
C SER A 49 -0.35 7.63 15.61
N GLU A 50 -1.68 7.59 15.69
CA GLU A 50 -2.39 8.11 16.86
C GLU A 50 -2.17 9.61 17.00
N GLU A 51 -1.82 10.25 15.89
CA GLU A 51 -1.58 11.70 15.88
C GLU A 51 -2.84 12.45 15.48
N ASN A 52 -2.67 13.72 15.11
CA ASN A 52 -3.80 14.55 14.69
C ASN A 52 -4.68 14.90 15.89
N LYS A 53 -5.81 15.55 15.61
CA LYS A 53 -6.74 15.94 16.66
C LYS A 53 -7.25 14.71 17.43
N LEU A 54 -8.26 14.92 18.26
CA LEU A 54 -8.83 13.84 19.06
C LEU A 54 -9.82 13.03 18.22
N SER A 55 -10.33 13.64 17.16
CA SER A 55 -11.30 12.97 16.28
C SER A 55 -10.58 12.23 15.16
N TYR A 56 -9.49 12.81 14.67
CA TYR A 56 -8.72 12.21 13.60
C TYR A 56 -8.01 10.94 14.07
N THR A 57 -7.59 10.96 15.34
CA THR A 57 -6.90 9.81 15.92
C THR A 57 -7.67 8.52 15.69
N PRO A 58 -8.91 8.47 16.20
CA PRO A 58 -9.78 7.30 16.05
C PRO A 58 -10.25 7.09 14.61
N ILE A 59 -10.79 8.16 14.01
CA ILE A 59 -11.28 8.10 12.65
C ILE A 59 -10.21 7.56 11.70
N PHE A 60 -8.97 7.99 11.92
CA PHE A 60 -7.86 7.55 11.09
C PHE A 60 -7.50 6.09 11.38
N ASN A 61 -7.31 5.77 12.65
CA ASN A 61 -6.97 4.42 13.05
C ASN A 61 -8.00 3.41 12.53
N GLU A 62 -9.28 3.70 12.79
CA GLU A 62 -10.36 2.83 12.35
C GLU A 62 -10.33 2.66 10.84
N TYR A 63 -10.40 3.76 10.12
CA TYR A 63 -10.39 3.72 8.66
C TYR A 63 -9.22 2.88 8.15
N ILE A 64 -8.00 3.33 8.45
CA ILE A 64 -6.79 2.62 8.02
C ILE A 64 -6.86 1.15 8.43
N GLU A 65 -7.28 0.90 9.66
CA GLU A 65 -7.38 -0.47 10.17
C GLU A 65 -8.36 -1.29 9.34
N ILE A 66 -9.44 -0.64 8.88
CA ILE A 66 -10.44 -1.31 8.08
C ILE A 66 -9.87 -1.77 6.74
N LEU A 67 -9.32 -0.82 5.99
CA LEU A 67 -8.73 -1.12 4.69
C LEU A 67 -7.52 -2.04 4.84
N GLU A 68 -6.61 -1.67 5.74
CA GLU A 68 -5.42 -2.48 5.98
C GLU A 68 -5.78 -3.92 6.31
N LYS A 69 -6.81 -4.08 7.14
CA LYS A 69 -7.26 -5.41 7.53
C LYS A 69 -7.75 -6.21 6.32
N HIS A 70 -8.69 -5.64 5.58
CA HIS A 70 -9.24 -6.30 4.40
C HIS A 70 -8.14 -6.59 3.39
N LEU A 71 -7.36 -5.57 3.05
CA LEU A 71 -6.28 -5.72 2.09
C LEU A 71 -5.22 -6.70 2.61
N GLU A 72 -5.07 -6.74 3.93
CA GLU A 72 -4.10 -7.64 4.55
C GLU A 72 -4.42 -9.10 4.25
N GLN A 73 -5.65 -9.50 4.55
CA GLN A 73 -6.08 -10.87 4.31
C GLN A 73 -6.05 -11.20 2.81
N GLN A 74 -6.43 -10.23 1.99
CA GLN A 74 -6.45 -10.41 0.55
C GLN A 74 -5.03 -10.57 0.00
N LEU A 75 -4.15 -9.64 0.38
CA LEU A 75 -2.77 -9.68 -0.08
C LEU A 75 -2.07 -10.93 0.43
N VAL A 76 -2.35 -11.31 1.67
CA VAL A 76 -1.75 -12.50 2.27
C VAL A 76 -2.12 -13.75 1.49
N GLU A 77 -3.41 -13.93 1.25
CA GLU A 77 -3.89 -15.09 0.51
C GLU A 77 -3.80 -14.86 -1.00
N ARG A 78 -3.25 -13.71 -1.38
CA ARG A 78 -3.11 -13.37 -2.79
C ARG A 78 -2.08 -14.27 -3.47
N ILE A 79 -0.82 -14.09 -3.11
CA ILE A 79 0.27 -14.88 -3.67
C ILE A 79 0.03 -15.13 -5.17
N PRO A 80 -0.15 -14.04 -5.92
CA PRO A 80 -0.37 -14.11 -7.37
C PRO A 80 0.87 -14.55 -8.13
N GLY A 81 2.00 -13.91 -7.84
CA GLY A 81 3.24 -14.25 -8.50
C GLY A 81 3.91 -13.05 -9.13
N PHE A 82 3.32 -12.54 -10.21
CA PHE A 82 3.88 -11.38 -10.89
C PHE A 82 3.53 -10.09 -10.16
N ASN A 83 4.37 -9.08 -10.34
CA ASN A 83 4.15 -7.78 -9.69
C ASN A 83 2.69 -7.39 -9.73
N MET A 84 1.90 -8.00 -8.85
CA MET A 84 0.47 -7.71 -8.78
C MET A 84 0.21 -6.39 -8.05
N ASP A 85 0.53 -6.37 -6.75
CA ASP A 85 0.33 -5.18 -5.94
C ASP A 85 1.39 -5.09 -4.85
N ALA A 86 1.99 -3.91 -4.70
CA ALA A 86 3.01 -3.69 -3.69
C ALA A 86 2.39 -3.59 -2.30
N PHE A 87 1.07 -3.50 -2.25
CA PHE A 87 0.36 -3.38 -0.98
C PHE A 87 0.90 -4.38 0.04
N THR A 88 1.38 -5.52 -0.45
CA THR A 88 1.92 -6.56 0.41
C THR A 88 3.15 -6.06 1.16
N HIS A 89 4.03 -5.37 0.44
CA HIS A 89 5.26 -4.84 1.03
C HIS A 89 4.93 -3.90 2.19
N SER A 90 4.11 -2.89 1.92
CA SER A 90 3.73 -1.92 2.94
C SER A 90 2.72 -2.52 3.90
N LEU A 91 2.16 -3.66 3.53
CA LEU A 91 1.16 -4.34 4.36
C LEU A 91 1.83 -4.95 5.60
N LYS A 92 2.70 -5.91 5.38
CA LYS A 92 3.40 -6.58 6.47
C LYS A 92 4.68 -5.82 6.84
N GLN A 93 5.77 -6.13 6.12
CA GLN A 93 7.04 -5.47 6.36
C GLN A 93 7.67 -5.00 5.05
N HIS A 94 8.18 -5.96 4.28
CA HIS A 94 8.81 -5.65 3.00
C HIS A 94 8.91 -6.89 2.12
N LYS A 95 8.16 -6.88 1.02
CA LYS A 95 8.16 -8.01 0.10
C LYS A 95 9.32 -7.90 -0.90
N ASP A 96 10.12 -6.85 -0.76
CA ASP A 96 11.25 -6.64 -1.64
C ASP A 96 12.11 -7.90 -1.74
N GLU A 97 12.30 -8.57 -0.61
CA GLU A 97 13.11 -9.79 -0.57
C GLU A 97 12.61 -10.79 -1.61
N VAL A 98 11.33 -10.75 -1.90
CA VAL A 98 10.72 -11.66 -2.87
C VAL A 98 9.48 -11.04 -3.52
N SER A 99 9.66 -10.47 -4.70
CA SER A 99 8.56 -9.85 -5.41
C SER A 99 8.27 -10.57 -6.73
N GLY A 100 7.51 -9.92 -7.60
CA GLY A 100 7.19 -10.51 -8.89
C GLY A 100 8.36 -11.26 -9.50
N ASP A 101 9.57 -10.76 -9.24
CA ASP A 101 10.78 -11.39 -9.77
C ASP A 101 10.80 -12.89 -9.47
N ILE A 102 10.91 -13.23 -8.19
CA ILE A 102 10.94 -14.62 -7.77
C ILE A 102 9.53 -15.20 -7.70
N LEU A 103 8.60 -14.42 -7.16
CA LEU A 103 7.22 -14.84 -7.02
C LEU A 103 6.67 -15.36 -8.34
N ASP A 104 6.65 -14.47 -9.35
CA ASP A 104 6.15 -14.84 -10.67
C ASP A 104 6.99 -15.97 -11.27
N MET A 105 8.26 -16.01 -10.91
CA MET A 105 9.16 -17.04 -11.42
C MET A 105 8.57 -18.44 -11.22
N LEU A 106 8.23 -18.76 -9.97
CA LEU A 106 7.66 -20.06 -9.64
C LEU A 106 6.13 -20.00 -9.73
N LEU A 107 5.56 -18.95 -9.17
CA LEU A 107 4.11 -18.78 -9.17
C LEU A 107 3.60 -18.47 -10.58
N THR A 108 4.52 -18.41 -11.53
CA THR A 108 4.16 -18.14 -12.92
C THR A 108 2.90 -18.87 -13.33
N PHE A 109 2.62 -19.98 -12.64
CA PHE A 109 1.44 -20.78 -12.94
C PHE A 109 0.19 -19.90 -13.02
N THR A 110 0.22 -18.77 -12.33
CA THR A 110 -0.90 -17.84 -12.32
C THR A 110 -0.44 -16.43 -11.94
N ASP A 111 0.34 -15.82 -12.83
CA ASP A 111 0.84 -14.47 -12.59
C ASP A 111 -0.30 -13.52 -12.21
N PHE A 112 0.04 -12.27 -11.94
CA PHE A 112 -0.95 -11.27 -11.55
C PHE A 112 -2.00 -11.09 -12.65
N MET A 113 -1.70 -11.64 -13.83
CA MET A 113 -2.62 -11.54 -14.97
C MET A 113 -4.07 -11.66 -14.50
N ALA A 114 -4.39 -12.76 -13.83
CA ALA A 114 -5.74 -12.99 -13.34
C ALA A 114 -5.99 -12.22 -12.06
N PHE A 115 -5.12 -12.42 -11.07
CA PHE A 115 -5.26 -11.75 -9.78
C PHE A 115 -5.39 -10.25 -9.97
N LYS A 116 -4.37 -9.63 -10.55
CA LYS A 116 -4.38 -8.19 -10.80
C LYS A 116 -5.58 -7.79 -11.65
N GLU A 117 -5.95 -8.65 -12.59
CA GLU A 117 -7.08 -8.38 -13.46
C GLU A 117 -8.27 -7.86 -12.68
N MET A 118 -8.78 -8.68 -11.76
CA MET A 118 -9.92 -8.29 -10.94
C MET A 118 -9.47 -7.42 -9.77
N PHE A 119 -8.45 -7.86 -9.05
CA PHE A 119 -7.93 -7.11 -7.92
C PHE A 119 -7.59 -5.67 -8.32
N THR A 120 -6.68 -5.53 -9.26
CA THR A 120 -6.26 -4.22 -9.74
C THR A 120 -7.46 -3.41 -10.24
N ASP A 121 -8.31 -4.05 -11.02
CA ASP A 121 -9.50 -3.40 -11.56
C ASP A 121 -10.26 -2.67 -10.47
N TYR A 122 -10.45 -3.35 -9.34
CA TYR A 122 -11.17 -2.76 -8.20
C TYR A 122 -10.27 -1.80 -7.42
N ARG A 123 -9.14 -2.31 -6.95
CA ARG A 123 -8.20 -1.50 -6.19
C ARG A 123 -7.88 -0.21 -6.93
N ALA A 124 -7.38 -0.34 -8.15
CA ALA A 124 -7.03 0.82 -8.97
C ALA A 124 -8.23 1.75 -9.14
N GLU A 125 -9.27 1.24 -9.81
CA GLU A 125 -10.47 2.03 -10.06
C GLU A 125 -10.98 2.67 -8.76
N LYS A 126 -10.61 2.06 -7.63
CA LYS A 126 -11.03 2.58 -6.33
C LYS A 126 -10.17 3.76 -5.91
N GLU A 127 -8.86 3.60 -6.01
CA GLU A 127 -7.93 4.66 -5.65
C GLU A 127 -8.03 5.83 -6.62
N GLY A 128 -8.67 5.59 -7.76
CA GLY A 128 -8.83 6.63 -8.76
C GLY A 128 -8.04 6.34 -10.03
N ARG A 129 -8.06 5.08 -10.46
CA ARG A 129 -7.34 4.68 -11.66
C ARG A 129 -7.46 5.74 -12.74
N GLY A 130 -8.69 6.00 -13.18
CA GLY A 130 -8.92 6.99 -14.21
C GLY A 130 -9.77 6.47 -15.34
N GLY A 1 -18.95 11.77 -6.58
CA GLY A 1 -17.57 11.75 -7.01
C GLY A 1 -16.63 11.28 -5.92
N HIS A 2 -15.32 11.33 -6.19
CA HIS A 2 -14.32 10.91 -5.22
C HIS A 2 -12.93 11.40 -5.62
N HIS A 3 -12.72 12.70 -5.52
CA HIS A 3 -11.43 13.30 -5.87
C HIS A 3 -11.26 14.66 -5.21
N HIS A 4 -10.14 14.83 -4.50
CA HIS A 4 -9.86 16.09 -3.81
C HIS A 4 -8.45 16.07 -3.24
N HIS A 5 -7.55 16.83 -3.84
CA HIS A 5 -6.17 16.92 -3.39
C HIS A 5 -5.78 18.36 -3.08
N HIS A 6 -6.33 18.91 -1.99
CA HIS A 6 -6.04 20.28 -1.60
C HIS A 6 -6.19 20.45 -0.09
N HIS A 7 -7.43 20.48 0.38
CA HIS A 7 -7.72 20.64 1.80
C HIS A 7 -7.83 19.28 2.48
N LEU A 8 -6.71 18.76 2.97
CA LEU A 8 -6.69 17.47 3.64
C LEU A 8 -5.27 17.12 4.10
N GLU A 9 -4.28 17.54 3.32
CA GLU A 9 -2.89 17.27 3.65
C GLU A 9 -2.40 18.20 4.75
N ASP A 10 -3.05 18.13 5.92
CA ASP A 10 -2.67 18.97 7.06
C ASP A 10 -2.84 18.20 8.37
N ALA A 11 -2.95 16.88 8.27
CA ALA A 11 -3.10 16.04 9.44
C ALA A 11 -2.20 14.81 9.37
N ASP A 12 -2.11 14.21 8.18
CA ASP A 12 -1.29 13.04 7.98
C ASP A 12 -0.71 13.02 6.56
N ALA A 13 0.34 13.81 6.35
CA ALA A 13 0.98 13.89 5.05
C ALA A 13 1.45 12.51 4.58
N GLU A 14 2.18 11.82 5.45
CA GLU A 14 2.68 10.48 5.12
C GLU A 14 1.57 9.59 4.59
N PHE A 15 0.43 9.59 5.29
CA PHE A 15 -0.70 8.79 4.89
C PHE A 15 -1.05 9.01 3.42
N ASP A 16 -1.13 10.29 3.03
CA ASP A 16 -1.45 10.64 1.65
C ASP A 16 -0.35 10.17 0.70
N ILE A 17 0.89 10.25 1.15
CA ILE A 17 2.03 9.83 0.34
C ILE A 17 1.94 8.35 -0.01
N VAL A 18 1.85 7.50 1.03
CA VAL A 18 1.76 6.07 0.83
C VAL A 18 0.53 5.71 -0.02
N ILE A 19 -0.58 6.38 0.25
CA ILE A 19 -1.82 6.14 -0.49
C ILE A 19 -1.61 6.29 -1.99
N GLY A 20 -1.10 7.47 -2.39
CA GLY A 20 -0.87 7.73 -3.80
C GLY A 20 0.07 6.72 -4.42
N ASN A 21 1.23 6.52 -3.78
CA ASN A 21 2.22 5.57 -4.29
C ASN A 21 1.65 4.16 -4.36
N ILE A 22 0.71 3.86 -3.45
CA ILE A 22 0.08 2.55 -3.42
C ILE A 22 -0.72 2.29 -4.68
N GLU A 23 -1.44 3.31 -5.14
CA GLU A 23 -2.25 3.19 -6.34
C GLU A 23 -1.38 3.08 -7.58
N ASP A 24 -0.15 3.56 -7.48
CA ASP A 24 0.79 3.52 -8.59
C ASP A 24 1.63 2.24 -8.55
N ILE A 25 1.99 1.83 -7.34
CA ILE A 25 2.79 0.62 -7.17
C ILE A 25 2.01 -0.63 -7.57
N ILE A 26 0.70 -0.49 -7.64
CA ILE A 26 -0.16 -1.61 -8.02
C ILE A 26 0.40 -2.34 -9.23
N MET A 27 1.30 -1.69 -9.95
CA MET A 27 1.92 -2.29 -11.13
C MET A 27 3.17 -3.09 -10.74
N GLU A 28 3.87 -2.62 -9.71
CA GLU A 28 5.08 -3.29 -9.24
C GLU A 28 5.17 -3.24 -7.72
N ASP A 29 5.62 -4.33 -7.13
CA ASP A 29 5.77 -4.41 -5.68
C ASP A 29 7.00 -3.66 -5.21
N GLU A 30 8.16 -4.02 -5.74
CA GLU A 30 9.42 -3.39 -5.37
C GLU A 30 9.26 -1.86 -5.35
N PHE A 31 8.47 -1.34 -6.28
CA PHE A 31 8.24 0.10 -6.37
C PHE A 31 7.83 0.66 -5.01
N GLN A 32 6.85 0.03 -4.38
CA GLN A 32 6.36 0.47 -3.08
C GLN A 32 7.42 0.25 -2.00
N HIS A 33 8.14 -0.86 -2.11
CA HIS A 33 9.19 -1.19 -1.15
C HIS A 33 10.14 -0.01 -0.93
N LEU A 34 10.56 0.60 -2.04
CA LEU A 34 11.47 1.75 -1.98
C LEU A 34 10.74 2.98 -1.46
N GLN A 35 9.65 3.35 -2.12
CA GLN A 35 8.87 4.51 -1.73
C GLN A 35 8.50 4.44 -0.25
N GLN A 36 7.81 3.36 0.13
CA GLN A 36 7.39 3.17 1.51
C GLN A 36 8.59 3.20 2.45
N SER A 37 9.71 2.65 2.00
CA SER A 37 10.93 2.61 2.81
C SER A 37 11.37 4.02 3.18
N PHE A 38 11.30 4.92 2.21
CA PHE A 38 11.71 6.31 2.43
C PHE A 38 10.78 6.99 3.43
N MET A 39 9.48 6.95 3.13
CA MET A 39 8.48 7.57 4.01
C MET A 39 8.49 6.93 5.39
N GLU A 40 8.72 5.62 5.43
CA GLU A 40 8.76 4.89 6.69
C GLU A 40 9.88 5.41 7.58
N LYS A 41 11.08 5.52 7.01
CA LYS A 41 12.24 6.00 7.76
C LYS A 41 12.00 7.42 8.27
N TYR A 42 11.67 8.32 7.35
CA TYR A 42 11.42 9.71 7.70
C TYR A 42 10.31 9.82 8.74
N TYR A 43 9.19 9.15 8.47
CA TYR A 43 8.06 9.17 9.39
C TYR A 43 8.44 8.63 10.75
N LEU A 44 8.94 7.40 10.78
CA LEU A 44 9.34 6.76 12.03
C LEU A 44 10.42 7.58 12.72
N GLU A 45 11.15 8.39 11.96
CA GLU A 45 12.20 9.23 12.50
C GLU A 45 11.68 10.62 12.85
N PHE A 46 10.36 10.75 12.90
CA PHE A 46 9.72 12.02 13.22
C PHE A 46 8.35 11.80 13.86
N ASP A 47 7.36 11.50 13.04
CA ASP A 47 6.00 11.27 13.52
C ASP A 47 5.88 9.90 14.17
N ASP A 48 4.67 9.55 14.58
CA ASP A 48 4.43 8.26 15.22
C ASP A 48 3.07 7.69 14.80
N SER A 49 2.62 6.66 15.52
CA SER A 49 1.33 6.03 15.23
C SER A 49 0.19 7.02 15.42
N GLU A 50 -1.01 6.49 15.56
CA GLU A 50 -2.20 7.32 15.76
C GLU A 50 -2.23 7.92 17.16
N GLU A 51 -1.22 8.72 17.48
CA GLU A 51 -1.14 9.35 18.79
C GLU A 51 -0.77 10.82 18.66
N ASN A 52 -1.63 11.60 18.01
CA ASN A 52 -1.40 13.02 17.81
C ASN A 52 -2.61 13.69 17.18
N LYS A 53 -3.80 13.22 17.55
CA LYS A 53 -5.04 13.77 17.02
C LYS A 53 -6.23 13.31 17.84
N LEU A 54 -7.31 14.09 17.82
CA LEU A 54 -8.52 13.77 18.57
C LEU A 54 -9.42 12.83 17.76
N SER A 55 -9.87 13.30 16.60
CA SER A 55 -10.74 12.51 15.74
C SER A 55 -9.93 11.80 14.67
N TYR A 56 -8.80 12.38 14.30
CA TYR A 56 -7.93 11.80 13.27
C TYR A 56 -7.24 10.55 13.80
N THR A 57 -6.85 10.58 15.08
CA THR A 57 -6.18 9.45 15.70
C THR A 57 -6.97 8.16 15.50
N PRO A 58 -8.23 8.16 15.96
CA PRO A 58 -9.12 6.99 15.84
C PRO A 58 -9.54 6.74 14.40
N ILE A 59 -10.06 7.77 13.75
CA ILE A 59 -10.50 7.65 12.36
C ILE A 59 -9.40 7.08 11.48
N PHE A 60 -8.16 7.48 11.74
CA PHE A 60 -7.02 7.00 10.97
C PHE A 60 -6.71 5.56 11.30
N ASN A 61 -6.57 5.27 12.60
CA ASN A 61 -6.26 3.92 13.05
C ASN A 61 -7.32 2.93 12.55
N GLU A 62 -8.58 3.23 12.83
CA GLU A 62 -9.68 2.36 12.40
C GLU A 62 -9.65 2.15 10.89
N TYR A 63 -9.70 3.24 10.13
CA TYR A 63 -9.67 3.16 8.68
C TYR A 63 -8.51 2.29 8.20
N ILE A 64 -7.29 2.76 8.44
CA ILE A 64 -6.10 2.03 8.04
C ILE A 64 -6.16 0.58 8.49
N GLU A 65 -6.62 0.36 9.72
CA GLU A 65 -6.74 -0.99 10.27
C GLU A 65 -7.70 -1.83 9.43
N ILE A 66 -8.84 -1.25 9.08
CA ILE A 66 -9.83 -1.95 8.29
C ILE A 66 -9.25 -2.42 6.96
N LEU A 67 -8.75 -1.48 6.18
CA LEU A 67 -8.15 -1.79 4.88
C LEU A 67 -6.90 -2.64 5.05
N GLU A 68 -6.27 -2.54 6.22
CA GLU A 68 -5.06 -3.31 6.50
C GLU A 68 -5.37 -4.80 6.59
N LYS A 69 -6.29 -5.16 7.49
CA LYS A 69 -6.68 -6.54 7.68
C LYS A 69 -7.32 -7.11 6.40
N HIS A 70 -8.27 -6.37 5.85
CA HIS A 70 -8.97 -6.80 4.64
C HIS A 70 -7.97 -7.06 3.51
N LEU A 71 -7.12 -6.07 3.24
CA LEU A 71 -6.13 -6.19 2.18
C LEU A 71 -5.07 -7.24 2.55
N GLU A 72 -4.79 -7.36 3.85
CA GLU A 72 -3.81 -8.32 4.32
C GLU A 72 -4.17 -9.74 3.88
N GLN A 73 -5.39 -10.15 4.17
CA GLN A 73 -5.86 -11.49 3.80
C GLN A 73 -6.14 -11.57 2.30
N GLN A 74 -6.56 -10.44 1.72
CA GLN A 74 -6.87 -10.38 0.30
C GLN A 74 -5.61 -10.58 -0.54
N LEU A 75 -4.53 -9.92 -0.13
CA LEU A 75 -3.26 -10.02 -0.84
C LEU A 75 -2.57 -11.34 -0.53
N VAL A 76 -2.44 -11.66 0.75
CA VAL A 76 -1.80 -12.89 1.18
C VAL A 76 -2.44 -14.10 0.51
N GLU A 77 -3.75 -14.04 0.28
CA GLU A 77 -4.48 -15.12 -0.35
C GLU A 77 -4.58 -14.91 -1.86
N ARG A 78 -3.96 -13.83 -2.34
CA ARG A 78 -3.98 -13.51 -3.77
C ARG A 78 -2.90 -14.31 -4.50
N ILE A 79 -1.68 -14.26 -4.00
CA ILE A 79 -0.57 -14.97 -4.62
C ILE A 79 -0.69 -14.97 -6.14
N PRO A 80 -0.62 -13.75 -6.72
CA PRO A 80 -0.71 -13.58 -8.18
C PRO A 80 0.51 -14.11 -8.91
N GLY A 81 1.70 -13.73 -8.44
CA GLY A 81 2.93 -14.18 -9.06
C GLY A 81 3.81 -13.03 -9.50
N PHE A 82 3.38 -12.31 -10.51
CA PHE A 82 4.14 -11.18 -11.04
C PHE A 82 4.19 -10.05 -10.02
N ASN A 83 5.21 -9.20 -10.12
CA ASN A 83 5.37 -8.08 -9.21
C ASN A 83 4.04 -7.36 -8.99
N MET A 84 3.17 -7.98 -8.20
CA MET A 84 1.87 -7.40 -7.90
C MET A 84 1.43 -7.74 -6.48
N ASP A 85 1.92 -6.95 -5.52
CA ASP A 85 1.58 -7.15 -4.12
C ASP A 85 2.42 -6.26 -3.22
N ALA A 86 2.48 -4.98 -3.57
CA ALA A 86 3.26 -4.01 -2.79
C ALA A 86 2.50 -3.60 -1.53
N PHE A 87 1.18 -3.69 -1.58
CA PHE A 87 0.34 -3.31 -0.45
C PHE A 87 0.78 -4.05 0.81
N THR A 88 1.12 -5.33 0.66
CA THR A 88 1.56 -6.14 1.78
C THR A 88 2.84 -5.60 2.39
N HIS A 89 3.69 -5.01 1.55
CA HIS A 89 4.95 -4.44 2.02
C HIS A 89 4.71 -3.26 2.95
N SER A 90 4.03 -2.24 2.45
CA SER A 90 3.73 -1.05 3.24
C SER A 90 2.67 -1.35 4.30
N LEU A 91 2.01 -2.49 4.15
CA LEU A 91 0.98 -2.89 5.10
C LEU A 91 1.60 -3.39 6.40
N LYS A 92 2.35 -4.49 6.32
CA LYS A 92 3.00 -5.05 7.50
C LYS A 92 4.38 -4.42 7.72
N GLN A 93 5.39 -4.97 7.07
CA GLN A 93 6.74 -4.45 7.19
C GLN A 93 7.41 -4.34 5.83
N HIS A 94 7.81 -5.48 5.27
CA HIS A 94 8.46 -5.51 3.96
C HIS A 94 8.39 -6.90 3.35
N LYS A 95 7.65 -7.01 2.25
CA LYS A 95 7.49 -8.30 1.56
C LYS A 95 8.62 -8.51 0.55
N ASP A 96 9.56 -7.57 0.53
CA ASP A 96 10.70 -7.66 -0.39
C ASP A 96 11.33 -9.06 -0.34
N GLU A 97 11.38 -9.63 0.86
CA GLU A 97 11.97 -10.96 1.05
C GLU A 97 11.41 -11.94 0.01
N VAL A 98 10.16 -11.73 -0.39
CA VAL A 98 9.52 -12.60 -1.35
C VAL A 98 8.43 -11.85 -2.11
N SER A 99 8.79 -11.29 -3.26
CA SER A 99 7.84 -10.55 -4.08
C SER A 99 7.65 -11.21 -5.44
N GLY A 100 7.03 -10.50 -6.37
CA GLY A 100 6.80 -11.03 -7.70
C GLY A 100 8.00 -11.77 -8.24
N ASP A 101 9.19 -11.36 -7.81
CA ASP A 101 10.42 -12.00 -8.26
C ASP A 101 10.32 -13.51 -8.16
N ILE A 102 10.23 -14.01 -6.93
CA ILE A 102 10.13 -15.44 -6.70
C ILE A 102 8.71 -15.94 -6.97
N LEU A 103 7.72 -15.16 -6.57
CA LEU A 103 6.33 -15.52 -6.76
C LEU A 103 6.05 -15.82 -8.23
N ASP A 104 6.28 -14.84 -9.09
CA ASP A 104 6.06 -15.00 -10.52
C ASP A 104 6.88 -16.16 -11.07
N MET A 105 8.05 -16.39 -10.48
CA MET A 105 8.93 -17.47 -10.92
C MET A 105 8.17 -18.79 -10.99
N LEU A 106 7.57 -19.19 -9.88
CA LEU A 106 6.82 -20.43 -9.82
C LEU A 106 5.35 -20.20 -10.16
N LEU A 107 4.78 -19.14 -9.59
CA LEU A 107 3.38 -18.80 -9.83
C LEU A 107 3.19 -18.33 -11.27
N THR A 108 4.27 -18.28 -12.02
CA THR A 108 4.21 -17.84 -13.42
C THR A 108 3.00 -18.42 -14.12
N PHE A 109 2.54 -19.57 -13.65
CA PHE A 109 1.38 -20.23 -14.23
C PHE A 109 0.21 -19.25 -14.39
N THR A 110 0.20 -18.22 -13.55
CA THR A 110 -0.86 -17.22 -13.59
C THR A 110 -0.40 -15.92 -12.95
N ASP A 111 0.56 -15.25 -13.58
CA ASP A 111 1.08 -13.98 -13.07
C ASP A 111 -0.06 -13.03 -12.73
N PHE A 112 0.30 -11.85 -12.23
CA PHE A 112 -0.69 -10.85 -11.86
C PHE A 112 -1.59 -10.51 -13.04
N MET A 113 -1.18 -10.94 -14.23
CA MET A 113 -1.96 -10.68 -15.43
C MET A 113 -3.46 -10.76 -15.16
N ALA A 114 -3.90 -11.91 -14.65
CA ALA A 114 -5.31 -12.12 -14.34
C ALA A 114 -5.66 -11.49 -12.99
N PHE A 115 -4.91 -11.83 -11.96
CA PHE A 115 -5.15 -11.31 -10.62
C PHE A 115 -5.20 -9.78 -10.64
N LYS A 116 -4.09 -9.16 -11.04
CA LYS A 116 -4.00 -7.71 -11.11
C LYS A 116 -5.10 -7.14 -12.02
N GLU A 117 -5.36 -7.83 -13.12
CA GLU A 117 -6.38 -7.40 -14.07
C GLU A 117 -7.65 -6.97 -13.34
N MET A 118 -8.25 -7.91 -12.61
CA MET A 118 -9.47 -7.63 -11.87
C MET A 118 -9.16 -6.92 -10.55
N PHE A 119 -8.22 -7.48 -9.79
CA PHE A 119 -7.84 -6.91 -8.51
C PHE A 119 -7.43 -5.45 -8.67
N THR A 120 -6.39 -5.21 -9.46
CA THR A 120 -5.91 -3.85 -9.69
C THR A 120 -7.02 -2.96 -10.23
N ASP A 121 -7.77 -3.46 -11.20
CA ASP A 121 -8.86 -2.71 -11.79
C ASP A 121 -9.79 -2.15 -10.71
N TYR A 122 -10.08 -2.96 -9.71
CA TYR A 122 -10.95 -2.54 -8.62
C TYR A 122 -10.19 -1.68 -7.62
N ARG A 123 -9.10 -2.22 -7.07
CA ARG A 123 -8.29 -1.51 -6.10
C ARG A 123 -7.93 -0.11 -6.62
N ALA A 124 -7.44 -0.07 -7.86
CA ALA A 124 -7.06 1.20 -8.48
C ALA A 124 -8.26 2.10 -8.69
N GLU A 125 -9.18 1.66 -9.55
CA GLU A 125 -10.38 2.43 -9.84
C GLU A 125 -11.07 2.87 -8.55
N LYS A 126 -10.85 2.12 -7.48
CA LYS A 126 -11.45 2.43 -6.19
C LYS A 126 -10.88 3.73 -5.62
N GLU A 127 -9.55 3.84 -5.61
CA GLU A 127 -8.88 5.03 -5.10
C GLU A 127 -9.04 6.20 -6.07
N GLY A 128 -9.46 5.89 -7.30
CA GLY A 128 -9.63 6.92 -8.31
C GLY A 128 -8.63 6.81 -9.44
N ARG A 129 -8.37 5.58 -9.86
CA ARG A 129 -7.42 5.34 -10.95
C ARG A 129 -7.51 6.43 -12.01
N GLY A 130 -8.71 6.63 -12.54
CA GLY A 130 -8.92 7.64 -13.56
C GLY A 130 -9.66 7.11 -14.77
N GLY A 1 16.87 21.03 -8.72
CA GLY A 1 16.05 20.65 -7.57
C GLY A 1 14.67 21.26 -7.63
N HIS A 2 13.83 20.90 -6.67
CA HIS A 2 12.46 21.42 -6.60
C HIS A 2 11.78 21.01 -5.30
N HIS A 3 11.77 21.93 -4.33
CA HIS A 3 11.16 21.66 -3.04
C HIS A 3 10.53 22.93 -2.47
N HIS A 4 9.48 22.77 -1.67
CA HIS A 4 8.80 23.90 -1.05
C HIS A 4 9.21 24.06 0.41
N HIS A 5 8.50 24.92 1.13
CA HIS A 5 8.81 25.17 2.53
C HIS A 5 7.69 25.99 3.18
N HIS A 6 6.75 25.30 3.82
CA HIS A 6 5.64 25.97 4.49
C HIS A 6 4.72 24.95 5.16
N HIS A 7 3.58 25.42 5.65
CA HIS A 7 2.62 24.56 6.31
C HIS A 7 2.27 23.36 5.43
N LEU A 8 1.87 22.26 6.06
CA LEU A 8 1.51 21.05 5.33
C LEU A 8 1.09 19.94 6.29
N GLU A 9 1.69 19.93 7.48
CA GLU A 9 1.37 18.93 8.49
C GLU A 9 0.03 19.23 9.16
N ASP A 10 -1.02 19.30 8.35
CA ASP A 10 -2.36 19.57 8.85
C ASP A 10 -3.41 18.73 8.12
N ALA A 11 -2.94 17.76 7.34
CA ALA A 11 -3.83 16.89 6.59
C ALA A 11 -3.29 15.47 6.54
N ASP A 12 -2.29 15.18 7.38
CA ASP A 12 -1.69 13.86 7.43
C ASP A 12 -1.01 13.52 6.10
N ALA A 13 0.29 13.76 6.03
CA ALA A 13 1.06 13.48 4.82
C ALA A 13 1.25 11.99 4.63
N GLU A 14 1.31 11.24 5.74
CA GLU A 14 1.48 9.80 5.68
C GLU A 14 0.51 9.16 4.69
N PHE A 15 -0.79 9.36 4.94
CA PHE A 15 -1.82 8.81 4.07
C PHE A 15 -1.57 9.20 2.62
N ASP A 16 -1.13 10.44 2.41
CA ASP A 16 -0.85 10.93 1.07
C ASP A 16 0.34 10.22 0.45
N ILE A 17 1.35 9.94 1.28
CA ILE A 17 2.56 9.25 0.83
C ILE A 17 2.23 7.84 0.33
N VAL A 18 1.65 7.04 1.21
CA VAL A 18 1.28 5.67 0.87
C VAL A 18 0.28 5.63 -0.28
N ILE A 19 -0.64 6.60 -0.27
CA ILE A 19 -1.66 6.68 -1.32
C ILE A 19 -1.03 6.81 -2.70
N GLY A 20 -0.17 7.81 -2.87
CA GLY A 20 0.49 8.01 -4.14
C GLY A 20 1.31 6.82 -4.57
N ASN A 21 2.11 6.29 -3.63
CA ASN A 21 2.96 5.14 -3.92
C ASN A 21 2.12 3.90 -4.21
N ILE A 22 0.89 3.89 -3.68
CA ILE A 22 -0.01 2.76 -3.89
C ILE A 22 -0.53 2.73 -5.31
N GLU A 23 -0.90 3.90 -5.84
CA GLU A 23 -1.41 3.99 -7.19
C GLU A 23 -0.31 3.75 -8.22
N ASP A 24 0.93 3.98 -7.81
CA ASP A 24 2.08 3.79 -8.69
C ASP A 24 2.65 2.38 -8.53
N ILE A 25 2.72 1.92 -7.29
CA ILE A 25 3.25 0.59 -7.00
C ILE A 25 2.52 -0.48 -7.81
N ILE A 26 1.27 -0.20 -8.17
CA ILE A 26 0.47 -1.13 -8.95
C ILE A 26 1.26 -1.66 -10.14
N MET A 27 2.32 -0.96 -10.51
CA MET A 27 3.16 -1.35 -11.63
C MET A 27 4.31 -2.24 -11.16
N GLU A 28 4.78 -1.99 -9.94
CA GLU A 28 5.88 -2.77 -9.38
C GLU A 28 5.96 -2.58 -7.87
N ASP A 29 6.00 -3.70 -7.14
CA ASP A 29 6.07 -3.65 -5.69
C ASP A 29 7.42 -3.10 -5.23
N GLU A 30 8.46 -3.34 -6.03
CA GLU A 30 9.80 -2.86 -5.71
C GLU A 30 9.76 -1.42 -5.24
N PHE A 31 9.04 -0.58 -5.97
CA PHE A 31 8.93 0.84 -5.64
C PHE A 31 8.41 1.01 -4.21
N GLN A 32 7.53 0.11 -3.79
CA GLN A 32 6.95 0.17 -2.45
C GLN A 32 8.03 -0.01 -1.39
N HIS A 33 8.96 -0.93 -1.64
CA HIS A 33 10.04 -1.21 -0.70
C HIS A 33 10.82 0.06 -0.40
N LEU A 34 11.17 0.81 -1.45
CA LEU A 34 11.92 2.05 -1.29
C LEU A 34 11.08 3.11 -0.57
N GLN A 35 9.91 3.40 -1.11
CA GLN A 35 9.01 4.39 -0.53
C GLN A 35 8.73 4.06 0.94
N GLN A 36 8.25 2.84 1.18
CA GLN A 36 7.93 2.41 2.54
C GLN A 36 9.09 2.69 3.48
N SER A 37 10.28 2.20 3.13
CA SER A 37 11.47 2.40 3.95
C SER A 37 11.69 3.87 4.23
N PHE A 38 11.32 4.72 3.27
CA PHE A 38 11.48 6.16 3.42
C PHE A 38 10.68 6.68 4.61
N MET A 39 9.39 6.38 4.62
CA MET A 39 8.52 6.82 5.71
C MET A 39 8.82 6.05 6.99
N GLU A 40 9.11 4.76 6.85
CA GLU A 40 9.41 3.92 8.01
C GLU A 40 10.52 4.54 8.85
N LYS A 41 11.62 4.90 8.20
CA LYS A 41 12.76 5.50 8.89
C LYS A 41 12.43 6.93 9.32
N TYR A 42 11.84 7.70 8.42
CA TYR A 42 11.48 9.09 8.70
C TYR A 42 10.63 9.17 9.97
N TYR A 43 9.67 8.25 10.10
CA TYR A 43 8.79 8.23 11.26
C TYR A 43 9.53 7.71 12.49
N LEU A 44 10.19 6.57 12.34
CA LEU A 44 10.93 5.97 13.44
C LEU A 44 11.95 6.95 14.01
N GLU A 45 12.37 7.91 13.18
CA GLU A 45 13.34 8.91 13.61
C GLU A 45 12.82 9.70 14.80
N PHE A 46 11.54 10.03 14.78
CA PHE A 46 10.92 10.79 15.86
C PHE A 46 9.45 11.03 15.59
N ASP A 47 9.10 11.21 14.32
CA ASP A 47 7.72 11.45 13.92
C ASP A 47 6.80 10.36 14.48
N ASP A 48 5.54 10.72 14.70
CA ASP A 48 4.57 9.77 15.23
C ASP A 48 3.47 9.49 14.21
N SER A 49 2.59 8.56 14.54
CA SER A 49 1.50 8.20 13.64
C SER A 49 0.14 8.42 14.31
N GLU A 50 -0.90 7.81 13.75
CA GLU A 50 -2.24 7.94 14.30
C GLU A 50 -2.77 9.36 14.11
N GLU A 51 -2.19 10.08 13.15
CA GLU A 51 -2.60 11.45 12.87
C GLU A 51 -2.59 12.29 14.15
N ASN A 52 -3.15 13.50 14.06
CA ASN A 52 -3.21 14.40 15.20
C ASN A 52 -4.55 15.13 15.26
N LYS A 53 -5.61 14.42 14.91
CA LYS A 53 -6.95 15.00 14.91
C LYS A 53 -7.85 14.28 15.89
N LEU A 54 -9.10 14.73 16.00
CA LEU A 54 -10.07 14.13 16.91
C LEU A 54 -10.75 12.93 16.25
N SER A 55 -11.44 13.17 15.15
CA SER A 55 -12.13 12.11 14.43
C SER A 55 -11.28 11.58 13.29
N TYR A 56 -10.37 12.41 12.80
CA TYR A 56 -9.48 12.01 11.71
C TYR A 56 -8.43 11.02 12.19
N THR A 57 -7.99 11.20 13.43
CA THR A 57 -6.98 10.32 14.01
C THR A 57 -7.44 8.87 14.00
N PRO A 58 -8.61 8.62 14.60
CA PRO A 58 -9.19 7.27 14.67
C PRO A 58 -9.66 6.77 13.30
N ILE A 59 -10.49 7.58 12.64
CA ILE A 59 -11.01 7.21 11.33
C ILE A 59 -9.88 6.86 10.36
N PHE A 60 -8.74 7.54 10.52
CA PHE A 60 -7.59 7.29 9.66
C PHE A 60 -6.91 5.97 10.02
N ASN A 61 -6.58 5.82 11.30
CA ASN A 61 -5.94 4.60 11.78
C ASN A 61 -6.80 3.37 11.50
N GLU A 62 -8.05 3.42 11.91
CA GLU A 62 -8.98 2.32 11.70
C GLU A 62 -9.06 1.96 10.22
N TYR A 63 -9.30 2.97 9.39
CA TYR A 63 -9.41 2.77 7.95
C TYR A 63 -8.21 1.98 7.43
N ILE A 64 -7.02 2.50 7.66
CA ILE A 64 -5.79 1.84 7.22
C ILE A 64 -5.64 0.45 7.85
N GLU A 65 -6.06 0.33 9.10
CA GLU A 65 -5.97 -0.94 9.81
C GLU A 65 -6.93 -1.97 9.20
N ILE A 66 -8.09 -1.49 8.75
CA ILE A 66 -9.09 -2.37 8.15
C ILE A 66 -8.58 -2.95 6.84
N LEU A 67 -8.18 -2.07 5.92
CA LEU A 67 -7.68 -2.49 4.63
C LEU A 67 -6.42 -3.33 4.77
N GLU A 68 -5.47 -2.84 5.56
CA GLU A 68 -4.22 -3.55 5.79
C GLU A 68 -4.48 -4.93 6.40
N LYS A 69 -5.48 -5.02 7.26
CA LYS A 69 -5.83 -6.28 7.91
C LYS A 69 -6.30 -7.30 6.88
N HIS A 70 -7.39 -6.98 6.18
CA HIS A 70 -7.93 -7.86 5.16
C HIS A 70 -6.95 -8.06 4.02
N LEU A 71 -6.47 -6.95 3.47
CA LEU A 71 -5.52 -7.00 2.36
C LEU A 71 -4.33 -7.89 2.70
N GLU A 72 -3.53 -7.45 3.67
CA GLU A 72 -2.35 -8.21 4.11
C GLU A 72 -2.70 -9.68 4.27
N GLN A 73 -3.82 -9.95 4.91
CA GLN A 73 -4.26 -11.33 5.14
C GLN A 73 -4.30 -12.12 3.83
N GLN A 74 -4.90 -11.51 2.80
CA GLN A 74 -5.01 -12.15 1.50
C GLN A 74 -3.65 -12.18 0.80
N LEU A 75 -2.92 -11.07 0.87
CA LEU A 75 -1.61 -10.98 0.24
C LEU A 75 -0.74 -12.17 0.61
N VAL A 76 -0.69 -12.47 1.91
CA VAL A 76 0.11 -13.59 2.41
C VAL A 76 -0.62 -14.92 2.20
N GLU A 77 -1.95 -14.87 2.24
CA GLU A 77 -2.76 -16.06 2.06
C GLU A 77 -2.74 -16.53 0.61
N ARG A 78 -2.18 -15.69 -0.26
CA ARG A 78 -2.10 -16.02 -1.68
C ARG A 78 -0.67 -15.84 -2.19
N ILE A 79 -0.23 -14.60 -2.28
CA ILE A 79 1.12 -14.29 -2.76
C ILE A 79 1.29 -14.68 -4.22
N PRO A 80 0.63 -13.91 -5.11
CA PRO A 80 0.70 -14.16 -6.56
C PRO A 80 2.08 -13.84 -7.14
N GLY A 81 2.82 -12.97 -6.45
CA GLY A 81 4.15 -12.60 -6.91
C GLY A 81 4.12 -11.39 -7.83
N PHE A 82 3.51 -11.54 -8.99
CA PHE A 82 3.43 -10.46 -9.96
C PHE A 82 2.67 -9.27 -9.38
N ASN A 83 3.20 -8.07 -9.59
CA ASN A 83 2.57 -6.85 -9.09
C ASN A 83 1.33 -6.51 -9.89
N MET A 84 0.27 -7.30 -9.68
CA MET A 84 -0.99 -7.07 -10.39
C MET A 84 -1.73 -5.87 -9.80
N ASP A 85 -1.27 -5.40 -8.65
CA ASP A 85 -1.89 -4.26 -7.99
C ASP A 85 -1.03 -3.77 -6.82
N ALA A 86 -1.52 -2.76 -6.11
CA ALA A 86 -0.81 -2.21 -4.97
C ALA A 86 -0.99 -3.07 -3.73
N PHE A 87 -1.87 -4.06 -3.83
CA PHE A 87 -2.14 -4.96 -2.72
C PHE A 87 -0.84 -5.43 -2.07
N THR A 88 0.22 -5.49 -2.86
CA THR A 88 1.52 -5.91 -2.36
C THR A 88 2.19 -4.81 -1.55
N HIS A 89 2.05 -3.58 -2.02
CA HIS A 89 2.65 -2.43 -1.35
C HIS A 89 2.34 -2.46 0.15
N SER A 90 1.06 -2.52 0.48
CA SER A 90 0.63 -2.55 1.87
C SER A 90 1.16 -3.80 2.58
N LEU A 91 1.20 -4.90 1.84
CA LEU A 91 1.68 -6.17 2.38
C LEU A 91 3.18 -6.10 2.66
N LYS A 92 3.86 -5.17 2.00
CA LYS A 92 5.29 -5.00 2.17
C LYS A 92 5.66 -4.93 3.66
N GLN A 93 4.65 -4.71 4.50
CA GLN A 93 4.87 -4.63 5.94
C GLN A 93 5.79 -5.75 6.42
N HIS A 94 5.80 -6.87 5.68
CA HIS A 94 6.63 -8.01 6.04
C HIS A 94 7.15 -8.71 4.78
N LYS A 95 6.38 -8.63 3.70
CA LYS A 95 6.76 -9.25 2.45
C LYS A 95 7.90 -8.48 1.78
N ASP A 96 8.32 -7.39 2.42
CA ASP A 96 9.40 -6.58 1.89
C ASP A 96 10.62 -7.43 1.56
N GLU A 97 10.91 -8.40 2.41
CA GLU A 97 12.05 -9.29 2.21
C GLU A 97 11.86 -10.14 0.96
N VAL A 98 10.60 -10.42 0.62
CA VAL A 98 10.29 -11.21 -0.55
C VAL A 98 9.18 -10.57 -1.38
N SER A 99 9.56 -9.98 -2.51
CA SER A 99 8.60 -9.33 -3.39
C SER A 99 8.37 -10.15 -4.65
N GLY A 100 7.58 -9.59 -5.57
CA GLY A 100 7.29 -10.29 -6.82
C GLY A 100 8.54 -10.86 -7.46
N ASP A 101 9.69 -10.27 -7.17
CA ASP A 101 10.95 -10.73 -7.72
C ASP A 101 11.01 -12.25 -7.76
N ILE A 102 11.05 -12.87 -6.59
CA ILE A 102 11.10 -14.31 -6.48
C ILE A 102 9.71 -14.92 -6.55
N LEU A 103 8.76 -14.27 -5.90
CA LEU A 103 7.37 -14.74 -5.89
C LEU A 103 6.82 -14.83 -7.30
N ASP A 104 6.80 -13.71 -7.99
CA ASP A 104 6.29 -13.66 -9.37
C ASP A 104 7.09 -14.59 -10.28
N MET A 105 8.38 -14.69 -10.01
CA MET A 105 9.26 -15.55 -10.81
C MET A 105 8.72 -16.97 -10.87
N LEU A 106 8.31 -17.50 -9.73
CA LEU A 106 7.77 -18.85 -9.66
C LEU A 106 6.27 -18.85 -9.92
N LEU A 107 5.54 -18.00 -9.20
CA LEU A 107 4.09 -17.89 -9.35
C LEU A 107 3.73 -17.40 -10.74
N THR A 108 4.74 -17.01 -11.51
CA THR A 108 4.53 -16.51 -12.86
C THR A 108 3.59 -17.43 -13.65
N PHE A 109 3.43 -18.66 -13.15
CA PHE A 109 2.56 -19.64 -13.81
C PHE A 109 1.16 -19.06 -14.02
N THR A 110 0.78 -18.11 -13.18
CA THR A 110 -0.52 -17.48 -13.28
C THR A 110 -0.74 -16.47 -12.15
N ASP A 111 -0.19 -15.28 -12.33
CA ASP A 111 -0.33 -14.23 -11.33
C ASP A 111 -1.80 -14.01 -10.95
N PHE A 112 -2.04 -13.19 -9.94
CA PHE A 112 -3.39 -12.90 -9.49
C PHE A 112 -4.14 -12.04 -10.51
N MET A 113 -3.47 -11.73 -11.62
CA MET A 113 -4.07 -10.93 -12.67
C MET A 113 -5.54 -11.30 -12.88
N ALA A 114 -5.86 -12.55 -12.59
CA ALA A 114 -7.23 -13.04 -12.75
C ALA A 114 -8.18 -12.30 -11.82
N PHE A 115 -8.08 -12.58 -10.52
CA PHE A 115 -8.93 -11.94 -9.53
C PHE A 115 -8.59 -10.46 -9.40
N LYS A 116 -7.34 -10.13 -9.66
CA LYS A 116 -6.88 -8.74 -9.58
C LYS A 116 -7.42 -7.91 -10.73
N GLU A 117 -7.58 -8.55 -11.89
CA GLU A 117 -8.09 -7.87 -13.07
C GLU A 117 -9.33 -7.05 -12.73
N MET A 118 -10.32 -7.71 -12.12
CA MET A 118 -11.56 -7.04 -11.75
C MET A 118 -11.38 -6.23 -10.47
N PHE A 119 -10.84 -6.87 -9.43
CA PHE A 119 -10.62 -6.20 -8.16
C PHE A 119 -9.75 -4.96 -8.34
N THR A 120 -8.55 -5.15 -8.89
CA THR A 120 -7.63 -4.06 -9.11
C THR A 120 -8.30 -2.92 -9.89
N ASP A 121 -8.99 -3.27 -10.97
CA ASP A 121 -9.68 -2.29 -11.80
C ASP A 121 -10.46 -1.31 -10.92
N TYR A 122 -11.10 -1.82 -9.88
CA TYR A 122 -11.88 -0.99 -8.98
C TYR A 122 -10.97 -0.20 -8.03
N ARG A 123 -10.15 -0.94 -7.29
CA ARG A 123 -9.23 -0.31 -6.33
C ARG A 123 -8.36 0.73 -7.03
N ALA A 124 -7.62 0.31 -8.05
CA ALA A 124 -6.76 1.20 -8.80
C ALA A 124 -7.52 2.42 -9.28
N GLU A 125 -8.51 2.20 -10.15
CA GLU A 125 -9.31 3.29 -10.69
C GLU A 125 -9.89 4.15 -9.57
N LYS A 126 -10.04 3.54 -8.39
CA LYS A 126 -10.58 4.25 -7.24
C LYS A 126 -9.54 5.19 -6.63
N GLU A 127 -8.36 4.66 -6.37
CA GLU A 127 -7.27 5.45 -5.80
C GLU A 127 -6.77 6.48 -6.79
N GLY A 128 -7.15 6.32 -8.06
CA GLY A 128 -6.72 7.25 -9.09
C GLY A 128 -5.50 6.75 -9.84
N ARG A 129 -5.45 5.46 -10.11
CA ARG A 129 -4.32 4.86 -10.82
C ARG A 129 -4.00 5.66 -12.08
N GLY A 130 -5.00 6.35 -12.62
CA GLY A 130 -4.80 7.14 -13.83
C GLY A 130 -6.11 7.48 -14.51
N GLY A 1 -4.18 29.35 11.71
CA GLY A 1 -4.54 29.93 10.44
C GLY A 1 -5.50 29.06 9.65
N HIS A 2 -6.22 29.67 8.72
CA HIS A 2 -7.18 28.93 7.89
C HIS A 2 -6.70 28.86 6.45
N HIS A 3 -6.35 27.66 6.01
CA HIS A 3 -5.87 27.46 4.65
C HIS A 3 -6.06 26.00 4.22
N HIS A 4 -7.02 25.33 4.84
CA HIS A 4 -7.30 23.93 4.51
C HIS A 4 -8.80 23.69 4.40
N HIS A 5 -9.18 22.73 3.55
CA HIS A 5 -10.58 22.40 3.35
C HIS A 5 -11.01 21.26 4.26
N HIS A 6 -10.53 21.28 5.50
CA HIS A 6 -10.87 20.23 6.47
C HIS A 6 -10.57 18.85 5.90
N HIS A 7 -9.35 18.65 5.43
CA HIS A 7 -8.94 17.37 4.85
C HIS A 7 -7.51 17.03 5.25
N LEU A 8 -6.96 16.00 4.62
CA LEU A 8 -5.61 15.56 4.90
C LEU A 8 -4.60 16.67 4.61
N GLU A 9 -3.32 16.32 4.61
CA GLU A 9 -2.26 17.29 4.35
C GLU A 9 -2.21 18.35 5.44
N ASP A 10 -1.05 18.99 5.59
CA ASP A 10 -0.87 20.03 6.60
C ASP A 10 -1.02 19.45 8.00
N ALA A 11 -0.78 18.14 8.13
CA ALA A 11 -0.89 17.47 9.42
C ALA A 11 -0.23 16.09 9.36
N ASP A 12 -0.44 15.38 8.26
CA ASP A 12 0.14 14.05 8.09
C ASP A 12 0.33 13.73 6.61
N ALA A 13 1.45 14.18 6.04
CA ALA A 13 1.75 13.94 4.64
C ALA A 13 2.12 12.48 4.41
N GLU A 14 2.74 11.86 5.40
CA GLU A 14 3.14 10.47 5.30
C GLU A 14 2.01 9.60 4.77
N PHE A 15 0.87 9.64 5.45
CA PHE A 15 -0.30 8.86 5.05
C PHE A 15 -0.62 9.09 3.58
N ASP A 16 -0.62 10.35 3.17
CA ASP A 16 -0.91 10.70 1.78
C ASP A 16 0.15 10.13 0.84
N ILE A 17 1.39 10.14 1.28
CA ILE A 17 2.49 9.61 0.49
C ILE A 17 2.29 8.13 0.17
N VAL A 18 2.13 7.33 1.22
CA VAL A 18 1.93 5.90 1.06
C VAL A 18 0.67 5.61 0.26
N ILE A 19 -0.37 6.40 0.51
CA ILE A 19 -1.64 6.22 -0.19
C ILE A 19 -1.45 6.31 -1.70
N GLY A 20 -0.89 7.41 -2.17
CA GLY A 20 -0.66 7.59 -3.58
C GLY A 20 0.22 6.52 -4.18
N ASN A 21 1.36 6.27 -3.52
CA ASN A 21 2.29 5.25 -3.99
C ASN A 21 1.66 3.87 -3.95
N ILE A 22 0.70 3.68 -3.04
CA ILE A 22 0.01 2.41 -2.90
C ILE A 22 -0.79 2.08 -4.15
N GLU A 23 -1.50 3.07 -4.68
CA GLU A 23 -2.31 2.89 -5.87
C GLU A 23 -1.43 2.65 -7.09
N ASP A 24 -0.23 3.21 -7.07
CA ASP A 24 0.70 3.05 -8.18
C ASP A 24 1.47 1.74 -8.07
N ILE A 25 2.02 1.48 -6.88
CA ILE A 25 2.77 0.25 -6.65
C ILE A 25 1.99 -0.97 -7.08
N ILE A 26 0.66 -0.84 -7.10
CA ILE A 26 -0.21 -1.95 -7.51
C ILE A 26 0.27 -2.57 -8.81
N MET A 27 1.10 -1.84 -9.55
CA MET A 27 1.63 -2.32 -10.82
C MET A 27 2.87 -3.18 -10.60
N GLU A 28 3.64 -2.84 -9.57
CA GLU A 28 4.86 -3.58 -9.25
C GLU A 28 5.13 -3.56 -7.75
N ASP A 29 5.59 -4.69 -7.23
CA ASP A 29 5.89 -4.81 -5.80
C ASP A 29 7.24 -4.17 -5.48
N GLU A 30 8.27 -4.60 -6.18
CA GLU A 30 9.62 -4.06 -5.97
C GLU A 30 9.59 -2.55 -5.85
N PHE A 31 8.94 -1.90 -6.80
CA PHE A 31 8.84 -0.44 -6.81
C PHE A 31 8.39 0.08 -5.44
N GLN A 32 7.51 -0.68 -4.79
CA GLN A 32 6.99 -0.30 -3.49
C GLN A 32 8.09 -0.38 -2.43
N HIS A 33 8.94 -1.39 -2.54
CA HIS A 33 10.04 -1.58 -1.59
C HIS A 33 10.90 -0.32 -1.51
N LEU A 34 11.21 0.26 -2.66
CA LEU A 34 12.02 1.46 -2.72
C LEU A 34 11.27 2.66 -2.18
N GLN A 35 10.11 2.94 -2.76
CA GLN A 35 9.28 4.06 -2.32
C GLN A 35 8.96 3.96 -0.84
N GLN A 36 8.36 2.84 -0.46
CA GLN A 36 7.99 2.61 0.94
C GLN A 36 9.17 2.87 1.86
N SER A 37 10.29 2.23 1.58
CA SER A 37 11.50 2.39 2.39
C SER A 37 11.84 3.86 2.57
N PHE A 38 11.64 4.63 1.51
CA PHE A 38 11.93 6.06 1.55
C PHE A 38 11.06 6.77 2.58
N MET A 39 9.75 6.59 2.46
CA MET A 39 8.80 7.20 3.38
C MET A 39 8.96 6.63 4.79
N GLU A 40 9.35 5.36 4.86
CA GLU A 40 9.54 4.70 6.15
C GLU A 40 10.63 5.38 6.97
N LYS A 41 11.81 5.50 6.38
CA LYS A 41 12.94 6.14 7.05
C LYS A 41 12.65 7.62 7.31
N TYR A 42 12.12 8.30 6.29
CA TYR A 42 11.81 9.71 6.41
C TYR A 42 10.82 9.96 7.55
N TYR A 43 9.82 9.08 7.65
CA TYR A 43 8.80 9.20 8.69
C TYR A 43 9.37 8.81 10.05
N LEU A 44 9.97 7.63 10.11
CA LEU A 44 10.56 7.13 11.35
C LEU A 44 11.55 8.13 11.93
N GLU A 45 12.18 8.90 11.05
CA GLU A 45 13.16 9.90 11.47
C GLU A 45 12.51 10.96 12.34
N PHE A 46 11.18 11.03 12.28
CA PHE A 46 10.42 12.01 13.06
C PHE A 46 9.46 11.32 14.02
N ASP A 47 8.34 10.85 13.48
CA ASP A 47 7.34 10.16 14.29
C ASP A 47 6.72 9.00 13.51
N ASP A 48 5.68 8.39 14.09
CA ASP A 48 5.01 7.28 13.46
C ASP A 48 3.52 7.57 13.28
N SER A 49 2.75 6.55 12.90
CA SER A 49 1.32 6.70 12.69
C SER A 49 0.57 6.68 14.01
N GLU A 50 -0.74 6.47 13.94
CA GLU A 50 -1.58 6.43 15.13
C GLU A 50 -1.60 7.78 15.83
N GLU A 51 -1.25 8.83 15.09
CA GLU A 51 -1.24 10.18 15.64
C GLU A 51 -1.72 11.20 14.61
N ASN A 52 -2.56 12.12 15.04
CA ASN A 52 -3.10 13.14 14.16
C ASN A 52 -3.94 14.15 14.93
N LYS A 53 -5.14 13.75 15.32
CA LYS A 53 -6.05 14.62 16.07
C LYS A 53 -6.81 13.82 17.12
N LEU A 54 -7.87 14.42 17.66
CA LEU A 54 -8.69 13.78 18.68
C LEU A 54 -9.64 12.77 18.04
N SER A 55 -10.36 13.21 17.02
CA SER A 55 -11.31 12.35 16.33
C SER A 55 -10.67 11.68 15.12
N TYR A 56 -9.65 12.35 14.56
CA TYR A 56 -8.95 11.82 13.39
C TYR A 56 -8.09 10.62 13.78
N THR A 57 -7.46 10.70 14.95
CA THR A 57 -6.60 9.62 15.44
C THR A 57 -7.33 8.28 15.38
N PRO A 58 -8.48 8.19 16.07
CA PRO A 58 -9.29 6.98 16.10
C PRO A 58 -9.95 6.67 14.77
N ILE A 59 -10.66 7.65 14.22
CA ILE A 59 -11.34 7.50 12.94
C ILE A 59 -10.38 6.98 11.87
N PHE A 60 -9.15 7.50 11.90
CA PHE A 60 -8.14 7.09 10.92
C PHE A 60 -7.66 5.67 11.20
N ASN A 61 -7.27 5.42 12.44
CA ASN A 61 -6.79 4.09 12.83
C ASN A 61 -7.80 3.01 12.48
N GLU A 62 -9.03 3.20 12.93
CA GLU A 62 -10.11 2.24 12.67
C GLU A 62 -10.29 2.05 11.16
N TYR A 63 -10.53 3.14 10.46
CA TYR A 63 -10.73 3.09 9.01
C TYR A 63 -9.60 2.32 8.33
N ILE A 64 -8.37 2.70 8.64
CA ILE A 64 -7.19 2.05 8.06
C ILE A 64 -7.13 0.58 8.46
N GLU A 65 -7.59 0.29 9.68
CA GLU A 65 -7.58 -1.08 10.19
C GLU A 65 -8.55 -1.95 9.39
N ILE A 66 -9.70 -1.39 9.02
CA ILE A 66 -10.70 -2.11 8.26
C ILE A 66 -10.23 -2.38 6.84
N LEU A 67 -9.81 -1.32 6.15
CA LEU A 67 -9.33 -1.44 4.78
C LEU A 67 -8.16 -2.42 4.69
N GLU A 68 -7.20 -2.27 5.60
CA GLU A 68 -6.03 -3.15 5.63
C GLU A 68 -6.43 -4.57 6.01
N LYS A 69 -7.44 -4.69 6.86
CA LYS A 69 -7.91 -5.99 7.32
C LYS A 69 -8.39 -6.82 6.13
N HIS A 70 -9.33 -6.28 5.36
CA HIS A 70 -9.86 -6.98 4.20
C HIS A 70 -8.78 -7.21 3.15
N LEU A 71 -8.09 -6.14 2.78
CA LEU A 71 -7.02 -6.21 1.78
C LEU A 71 -6.00 -7.27 2.18
N GLU A 72 -5.67 -7.30 3.46
CA GLU A 72 -4.68 -8.27 3.97
C GLU A 72 -5.20 -9.70 3.81
N GLN A 73 -6.45 -9.92 4.20
CA GLN A 73 -7.05 -11.24 4.11
C GLN A 73 -7.05 -11.74 2.67
N GLN A 74 -7.20 -10.81 1.73
CA GLN A 74 -7.22 -11.17 0.31
C GLN A 74 -5.80 -11.35 -0.22
N LEU A 75 -4.94 -10.38 0.05
CA LEU A 75 -3.55 -10.44 -0.39
C LEU A 75 -2.83 -11.60 0.25
N VAL A 76 -3.28 -12.01 1.42
CA VAL A 76 -2.68 -13.13 2.14
C VAL A 76 -3.27 -14.46 1.70
N GLU A 77 -4.57 -14.45 1.39
CA GLU A 77 -5.26 -15.66 0.96
C GLU A 77 -5.17 -15.81 -0.54
N ARG A 78 -4.46 -14.90 -1.19
CA ARG A 78 -4.31 -14.94 -2.64
C ARG A 78 -2.99 -15.62 -3.03
N ILE A 79 -1.91 -15.23 -2.37
CA ILE A 79 -0.60 -15.81 -2.64
C ILE A 79 -0.44 -16.14 -4.12
N PRO A 80 -0.51 -15.10 -4.97
CA PRO A 80 -0.38 -15.26 -6.42
C PRO A 80 1.05 -15.63 -6.83
N GLY A 81 2.03 -15.11 -6.11
CA GLY A 81 3.42 -15.40 -6.40
C GLY A 81 4.00 -14.41 -7.39
N PHE A 82 3.15 -13.78 -8.19
CA PHE A 82 3.60 -12.80 -9.18
C PHE A 82 3.53 -11.39 -8.62
N ASN A 83 4.37 -10.50 -9.16
CA ASN A 83 4.40 -9.12 -8.71
C ASN A 83 2.99 -8.55 -8.59
N MET A 84 2.28 -8.97 -7.55
CA MET A 84 0.92 -8.50 -7.33
C MET A 84 0.92 -7.15 -6.60
N ASP A 85 -0.26 -6.73 -6.15
CA ASP A 85 -0.39 -5.47 -5.43
C ASP A 85 0.64 -5.36 -4.31
N ALA A 86 1.47 -4.33 -4.38
CA ALA A 86 2.51 -4.12 -3.36
C ALA A 86 1.88 -3.74 -2.02
N PHE A 87 0.58 -3.48 -2.03
CA PHE A 87 -0.13 -3.11 -0.81
C PHE A 87 0.24 -4.02 0.35
N THR A 88 0.61 -5.25 0.03
CA THR A 88 1.00 -6.22 1.04
C THR A 88 2.17 -5.72 1.87
N HIS A 89 3.19 -5.20 1.19
CA HIS A 89 4.37 -4.67 1.85
C HIS A 89 4.01 -3.54 2.80
N SER A 90 3.36 -2.51 2.28
CA SER A 90 2.96 -1.36 3.07
C SER A 90 1.81 -1.73 4.01
N LEU A 91 1.24 -2.91 3.80
CA LEU A 91 0.13 -3.38 4.63
C LEU A 91 0.64 -3.85 5.99
N LYS A 92 1.49 -4.87 5.98
CA LYS A 92 2.05 -5.42 7.21
C LYS A 92 3.27 -4.62 7.65
N GLN A 93 4.43 -5.00 7.14
CA GLN A 93 5.68 -4.33 7.48
C GLN A 93 6.53 -4.09 6.23
N HIS A 94 7.19 -5.14 5.76
CA HIS A 94 8.03 -5.04 4.57
C HIS A 94 8.35 -6.42 4.01
N LYS A 95 7.49 -6.91 3.12
CA LYS A 95 7.68 -8.22 2.51
C LYS A 95 8.72 -8.17 1.39
N ASP A 96 9.35 -7.01 1.25
CA ASP A 96 10.37 -6.82 0.22
C ASP A 96 11.34 -8.00 0.19
N GLU A 97 11.76 -8.44 1.36
CA GLU A 97 12.69 -9.55 1.47
C GLU A 97 12.27 -10.70 0.56
N VAL A 98 10.96 -10.83 0.36
CA VAL A 98 10.41 -11.88 -0.49
C VAL A 98 9.06 -11.48 -1.07
N SER A 99 9.08 -10.97 -2.29
CA SER A 99 7.84 -10.55 -2.95
C SER A 99 7.58 -11.39 -4.19
N GLY A 100 6.50 -11.06 -4.90
CA GLY A 100 6.15 -11.80 -6.10
C GLY A 100 7.32 -11.93 -7.06
N ASP A 101 8.33 -11.09 -6.89
CA ASP A 101 9.50 -11.10 -7.74
C ASP A 101 10.00 -12.54 -7.94
N ILE A 102 10.42 -13.17 -6.85
CA ILE A 102 10.92 -14.53 -6.89
C ILE A 102 9.84 -15.50 -7.33
N LEU A 103 8.75 -15.54 -6.57
CA LEU A 103 7.63 -16.42 -6.89
C LEU A 103 7.16 -16.23 -8.32
N ASP A 104 7.36 -15.02 -8.84
CA ASP A 104 6.97 -14.70 -10.21
C ASP A 104 7.78 -15.50 -11.21
N MET A 105 9.08 -15.63 -10.96
CA MET A 105 9.96 -16.38 -11.84
C MET A 105 9.45 -17.80 -12.05
N LEU A 106 8.91 -18.39 -10.99
CA LEU A 106 8.38 -19.75 -11.06
C LEU A 106 6.92 -19.75 -11.48
N LEU A 107 6.09 -19.02 -10.74
CA LEU A 107 4.66 -18.94 -11.03
C LEU A 107 4.42 -18.05 -12.25
N THR A 108 5.50 -17.62 -12.89
CA THR A 108 5.40 -16.77 -14.07
C THR A 108 4.28 -17.25 -14.99
N PHE A 109 3.89 -18.50 -14.84
CA PHE A 109 2.82 -19.07 -15.66
C PHE A 109 1.65 -18.10 -15.78
N THR A 110 1.47 -17.27 -14.76
CA THR A 110 0.39 -16.29 -14.75
C THR A 110 0.75 -15.08 -13.90
N ASP A 111 1.58 -14.21 -14.46
CA ASP A 111 2.00 -13.00 -13.76
C ASP A 111 0.82 -12.34 -13.04
N PHE A 112 1.10 -11.25 -12.34
CA PHE A 112 0.06 -10.53 -11.61
C PHE A 112 -1.07 -10.11 -12.54
N MET A 113 -0.85 -10.27 -13.85
CA MET A 113 -1.84 -9.92 -14.84
C MET A 113 -3.24 -10.31 -14.38
N ALA A 114 -3.34 -11.47 -13.72
CA ALA A 114 -4.62 -11.96 -13.22
C ALA A 114 -5.00 -11.26 -11.92
N PHE A 115 -4.13 -11.37 -10.93
CA PHE A 115 -4.38 -10.76 -9.63
C PHE A 115 -4.60 -9.25 -9.77
N LYS A 116 -3.62 -8.57 -10.35
CA LYS A 116 -3.70 -7.12 -10.54
C LYS A 116 -4.94 -6.76 -11.35
N GLU A 117 -5.25 -7.56 -12.36
CA GLU A 117 -6.41 -7.32 -13.20
C GLU A 117 -7.64 -6.99 -12.36
N MET A 118 -8.02 -7.91 -11.48
CA MET A 118 -9.17 -7.70 -10.61
C MET A 118 -8.81 -6.82 -9.43
N PHE A 119 -7.76 -7.20 -8.70
CA PHE A 119 -7.31 -6.44 -7.54
C PHE A 119 -7.10 -4.97 -7.91
N THR A 120 -6.17 -4.73 -8.82
CA THR A 120 -5.85 -3.37 -9.26
C THR A 120 -7.10 -2.65 -9.76
N ASP A 121 -7.90 -3.36 -10.55
CA ASP A 121 -9.13 -2.79 -11.09
C ASP A 121 -9.95 -2.11 -10.00
N TYR A 122 -10.14 -2.81 -8.89
CA TYR A 122 -10.90 -2.27 -7.76
C TYR A 122 -10.05 -1.32 -6.93
N ARG A 123 -8.91 -1.82 -6.45
CA ARG A 123 -8.01 -1.01 -5.64
C ARG A 123 -7.71 0.33 -6.32
N ALA A 124 -7.25 0.25 -7.56
CA ALA A 124 -6.92 1.46 -8.32
C ALA A 124 -8.15 2.33 -8.51
N GLU A 125 -9.14 1.81 -9.23
CA GLU A 125 -10.37 2.54 -9.49
C GLU A 125 -10.92 3.15 -8.20
N LYS A 126 -10.62 2.51 -7.08
CA LYS A 126 -11.08 2.98 -5.77
C LYS A 126 -10.44 4.32 -5.43
N GLU A 127 -9.13 4.39 -5.56
CA GLU A 127 -8.40 5.63 -5.25
C GLU A 127 -8.40 6.57 -6.45
N GLY A 128 -8.84 6.05 -7.60
CA GLY A 128 -8.87 6.86 -8.81
C GLY A 128 -7.53 6.93 -9.50
N ARG A 129 -6.82 5.80 -9.53
CA ARG A 129 -5.52 5.73 -10.17
C ARG A 129 -5.18 7.04 -10.88
N GLY A 130 -5.74 7.21 -12.08
CA GLY A 130 -5.50 8.43 -12.85
C GLY A 130 -6.22 8.41 -14.18
N GLY A 1 6.31 20.71 -12.68
CA GLY A 1 6.92 20.80 -11.36
C GLY A 1 6.34 19.79 -10.39
N HIS A 2 7.20 19.22 -9.55
CA HIS A 2 6.76 18.24 -8.56
C HIS A 2 7.79 18.11 -7.44
N HIS A 3 7.52 17.20 -6.50
CA HIS A 3 8.42 16.98 -5.38
C HIS A 3 8.61 18.26 -4.57
N HIS A 4 7.67 18.53 -3.66
CA HIS A 4 7.73 19.71 -2.82
C HIS A 4 7.27 19.41 -1.41
N HIS A 5 7.39 18.14 -1.02
CA HIS A 5 6.98 17.71 0.32
C HIS A 5 5.46 17.77 0.47
N HIS A 6 4.94 18.97 0.62
CA HIS A 6 3.50 19.15 0.77
C HIS A 6 2.99 18.48 2.04
N HIS A 7 1.69 18.59 2.29
CA HIS A 7 1.08 17.99 3.48
C HIS A 7 1.67 18.59 4.75
N LEU A 8 1.25 18.06 5.89
CA LEU A 8 1.74 18.54 7.18
C LEU A 8 1.72 17.42 8.22
N GLU A 9 1.65 16.18 7.74
CA GLU A 9 1.63 15.03 8.64
C GLU A 9 0.71 15.27 9.83
N ASP A 10 0.89 14.48 10.88
CA ASP A 10 0.08 14.61 12.09
C ASP A 10 -1.40 14.71 11.74
N ALA A 11 -1.80 14.05 10.66
CA ALA A 11 -3.18 14.06 10.22
C ALA A 11 -3.53 12.82 9.41
N ASP A 12 -3.03 12.78 8.18
CA ASP A 12 -3.28 11.64 7.29
C ASP A 12 -2.39 11.71 6.06
N ALA A 13 -1.21 12.30 6.22
CA ALA A 13 -0.27 12.43 5.12
C ALA A 13 0.38 11.09 4.79
N GLU A 14 0.85 10.39 5.82
CA GLU A 14 1.48 9.09 5.64
C GLU A 14 0.63 8.20 4.74
N PHE A 15 -0.60 7.93 5.17
CA PHE A 15 -1.51 7.08 4.40
C PHE A 15 -1.65 7.58 2.97
N ASP A 16 -1.71 8.91 2.83
CA ASP A 16 -1.85 9.53 1.52
C ASP A 16 -0.62 9.25 0.65
N ILE A 17 0.55 9.21 1.28
CA ILE A 17 1.79 8.96 0.57
C ILE A 17 1.79 7.57 -0.05
N VAL A 18 1.69 6.54 0.78
CA VAL A 18 1.67 5.16 0.31
C VAL A 18 0.50 4.92 -0.64
N ILE A 19 -0.63 5.54 -0.35
CA ILE A 19 -1.83 5.40 -1.17
C ILE A 19 -1.54 5.81 -2.62
N GLY A 20 -1.12 7.05 -2.80
CA GLY A 20 -0.83 7.55 -4.12
C GLY A 20 0.13 6.65 -4.88
N ASN A 21 1.15 6.16 -4.19
CA ASN A 21 2.14 5.28 -4.81
C ASN A 21 1.47 4.02 -5.37
N ILE A 22 0.51 3.50 -4.63
CA ILE A 22 -0.21 2.30 -5.06
C ILE A 22 -0.73 2.44 -6.49
N GLU A 23 -1.21 3.64 -6.82
CA GLU A 23 -1.73 3.91 -8.15
C GLU A 23 -0.61 3.87 -9.18
N ASP A 24 0.61 4.16 -8.75
CA ASP A 24 1.76 4.15 -9.63
C ASP A 24 2.45 2.79 -9.64
N ILE A 25 2.30 2.05 -8.53
CA ILE A 25 2.90 0.73 -8.42
C ILE A 25 2.22 -0.27 -9.34
N ILE A 26 1.00 0.06 -9.76
CA ILE A 26 0.24 -0.81 -10.65
C ILE A 26 1.15 -1.46 -11.69
N MET A 27 2.24 -0.78 -12.03
CA MET A 27 3.19 -1.30 -13.00
C MET A 27 4.29 -2.10 -12.32
N GLU A 28 4.70 -1.66 -11.13
CA GLU A 28 5.73 -2.33 -10.37
C GLU A 28 5.91 -1.69 -9.01
N ASP A 29 5.61 -2.46 -7.96
CA ASP A 29 5.74 -1.96 -6.59
C ASP A 29 7.14 -2.20 -6.06
N GLU A 30 7.81 -3.22 -6.59
CA GLU A 30 9.16 -3.55 -6.17
C GLU A 30 10.03 -2.30 -6.07
N PHE A 31 10.11 -1.55 -7.17
CA PHE A 31 10.90 -0.32 -7.21
C PHE A 31 10.10 0.87 -6.70
N GLN A 32 8.94 1.11 -7.32
CA GLN A 32 8.08 2.21 -6.93
C GLN A 32 7.87 2.23 -5.42
N HIS A 33 7.39 1.11 -4.87
CA HIS A 33 7.14 0.99 -3.44
C HIS A 33 8.46 1.02 -2.67
N LEU A 34 9.48 0.37 -3.21
CA LEU A 34 10.79 0.31 -2.57
C LEU A 34 11.17 1.68 -2.01
N GLN A 35 11.18 2.69 -2.86
CA GLN A 35 11.53 4.04 -2.45
C GLN A 35 10.37 4.70 -1.71
N GLN A 36 9.20 4.71 -2.35
CA GLN A 36 8.02 5.32 -1.74
C GLN A 36 7.78 4.76 -0.34
N SER A 37 7.51 3.46 -0.27
CA SER A 37 7.25 2.80 1.01
C SER A 37 8.39 3.04 1.98
N PHE A 38 9.62 2.97 1.47
CA PHE A 38 10.79 3.19 2.31
C PHE A 38 10.66 4.47 3.13
N MET A 39 10.40 5.58 2.44
CA MET A 39 10.26 6.87 3.10
C MET A 39 9.09 6.84 4.08
N GLU A 40 7.93 6.40 3.61
CA GLU A 40 6.74 6.33 4.44
C GLU A 40 7.00 5.49 5.69
N LYS A 41 7.82 4.45 5.52
CA LYS A 41 8.15 3.56 6.63
C LYS A 41 8.98 4.28 7.68
N TYR A 42 10.19 4.67 7.30
CA TYR A 42 11.09 5.38 8.21
C TYR A 42 10.43 6.63 8.76
N TYR A 43 9.36 7.07 8.10
CA TYR A 43 8.65 8.27 8.52
C TYR A 43 7.74 7.97 9.70
N LEU A 44 6.77 7.09 9.49
CA LEU A 44 5.82 6.70 10.53
C LEU A 44 6.17 5.34 11.11
N GLU A 45 6.40 4.37 10.22
CA GLU A 45 6.75 3.01 10.65
C GLU A 45 7.93 3.03 11.60
N PHE A 46 8.74 4.08 11.51
CA PHE A 46 9.91 4.22 12.37
C PHE A 46 9.51 4.37 13.83
N ASP A 47 9.15 5.59 14.21
CA ASP A 47 8.74 5.87 15.59
C ASP A 47 7.65 6.93 15.62
N ASP A 48 6.39 6.49 15.67
CA ASP A 48 5.26 7.41 15.71
C ASP A 48 3.95 6.65 15.75
N SER A 49 2.85 7.35 15.52
CA SER A 49 1.52 6.75 15.53
C SER A 49 0.47 7.72 15.01
N GLU A 50 -0.80 7.34 15.16
CA GLU A 50 -1.90 8.17 14.70
C GLU A 50 -1.72 9.62 15.16
N GLU A 51 -1.89 9.84 16.46
CA GLU A 51 -1.75 11.18 17.03
C GLU A 51 -2.51 12.21 16.20
N ASN A 52 -3.79 12.37 16.51
CA ASN A 52 -4.64 13.32 15.80
C ASN A 52 -5.71 13.89 16.71
N LYS A 53 -6.67 14.60 16.13
CA LYS A 53 -7.76 15.21 16.89
C LYS A 53 -8.51 14.14 17.68
N LEU A 54 -9.53 14.57 18.41
CA LEU A 54 -10.34 13.65 19.21
C LEU A 54 -11.06 12.65 18.34
N SER A 55 -11.54 13.12 17.18
CA SER A 55 -12.26 12.24 16.26
C SER A 55 -11.31 11.66 15.21
N TYR A 56 -10.25 12.41 14.91
CA TYR A 56 -9.27 11.97 13.92
C TYR A 56 -8.42 10.82 14.47
N THR A 57 -8.09 10.91 15.76
CA THR A 57 -7.28 9.88 16.41
C THR A 57 -7.86 8.49 16.17
N PRO A 58 -9.13 8.30 16.56
CA PRO A 58 -9.82 7.02 16.41
C PRO A 58 -10.13 6.72 14.94
N ILE A 59 -10.75 7.68 14.25
CA ILE A 59 -11.10 7.51 12.85
C ILE A 59 -9.89 7.11 12.02
N PHE A 60 -8.72 7.64 12.39
CA PHE A 60 -7.49 7.33 11.68
C PHE A 60 -7.00 5.92 12.02
N ASN A 61 -6.90 5.62 13.31
CA ASN A 61 -6.45 4.31 13.77
C ASN A 61 -7.34 3.21 13.21
N GLU A 62 -8.66 3.40 13.33
CA GLU A 62 -9.62 2.43 12.84
C GLU A 62 -9.49 2.25 11.33
N TYR A 63 -9.48 3.37 10.62
CA TYR A 63 -9.37 3.34 9.16
C TYR A 63 -8.18 2.51 8.71
N ILE A 64 -6.98 3.00 9.03
CA ILE A 64 -5.76 2.29 8.68
C ILE A 64 -5.82 0.82 9.09
N GLU A 65 -6.31 0.58 10.30
CA GLU A 65 -6.42 -0.78 10.82
C GLU A 65 -7.36 -1.62 9.96
N ILE A 66 -8.45 -1.00 9.52
CA ILE A 66 -9.43 -1.69 8.69
C ILE A 66 -8.80 -2.16 7.38
N LEU A 67 -8.25 -1.21 6.62
CA LEU A 67 -7.61 -1.52 5.35
C LEU A 67 -6.41 -2.43 5.55
N GLU A 68 -5.68 -2.20 6.64
CA GLU A 68 -4.50 -3.00 6.95
C GLU A 68 -4.84 -4.49 7.01
N LYS A 69 -5.80 -4.83 7.88
CA LYS A 69 -6.22 -6.22 8.04
C LYS A 69 -6.92 -6.72 6.78
N HIS A 70 -7.84 -5.91 6.25
CA HIS A 70 -8.57 -6.28 5.05
C HIS A 70 -7.62 -6.64 3.92
N LEU A 71 -6.68 -5.73 3.63
CA LEU A 71 -5.70 -5.96 2.56
C LEU A 71 -4.69 -7.01 2.97
N GLU A 72 -4.45 -7.12 4.27
CA GLU A 72 -3.49 -8.11 4.79
C GLU A 72 -3.87 -9.52 4.35
N GLN A 73 -5.10 -9.91 4.64
CA GLN A 73 -5.59 -11.24 4.27
C GLN A 73 -5.89 -11.31 2.78
N GLN A 74 -6.45 -10.23 2.25
CA GLN A 74 -6.80 -10.17 0.83
C GLN A 74 -5.56 -10.37 -0.04
N LEU A 75 -4.48 -9.68 0.29
CA LEU A 75 -3.23 -9.78 -0.45
C LEU A 75 -2.50 -11.08 -0.12
N VAL A 76 -2.15 -11.24 1.16
CA VAL A 76 -1.46 -12.44 1.61
C VAL A 76 -2.13 -13.70 1.09
N GLU A 77 -3.43 -13.62 0.84
CA GLU A 77 -4.19 -14.75 0.34
C GLU A 77 -3.43 -15.46 -0.78
N ARG A 78 -2.76 -14.68 -1.61
CA ARG A 78 -1.99 -15.24 -2.73
C ARG A 78 -0.57 -14.70 -2.71
N ILE A 79 -0.38 -13.51 -2.17
CA ILE A 79 0.94 -12.89 -2.09
C ILE A 79 1.76 -13.21 -3.34
N PRO A 80 1.21 -12.89 -4.51
CA PRO A 80 1.87 -13.13 -5.79
C PRO A 80 3.06 -12.21 -6.01
N GLY A 81 4.26 -12.79 -5.97
CA GLY A 81 5.47 -12.01 -6.16
C GLY A 81 5.25 -10.81 -7.06
N PHE A 82 4.56 -11.02 -8.17
CA PHE A 82 4.28 -9.95 -9.12
C PHE A 82 3.67 -8.74 -8.41
N ASN A 83 3.88 -7.56 -8.98
CA ASN A 83 3.35 -6.34 -8.40
C ASN A 83 1.83 -6.32 -8.43
N MET A 84 1.22 -7.11 -7.54
CA MET A 84 -0.23 -7.20 -7.47
C MET A 84 -0.79 -6.13 -6.52
N ASP A 85 0.09 -5.51 -5.75
CA ASP A 85 -0.31 -4.48 -4.81
C ASP A 85 0.82 -4.15 -3.84
N ALA A 86 1.35 -2.94 -3.95
CA ALA A 86 2.45 -2.51 -3.08
C ALA A 86 2.05 -2.63 -1.61
N PHE A 87 0.75 -2.65 -1.35
CA PHE A 87 0.25 -2.77 0.01
C PHE A 87 0.82 -4.00 0.71
N THR A 88 0.68 -5.16 0.07
CA THR A 88 1.18 -6.41 0.61
C THR A 88 2.68 -6.33 0.88
N HIS A 89 3.37 -5.53 0.08
CA HIS A 89 4.82 -5.36 0.23
C HIS A 89 5.16 -4.72 1.58
N SER A 90 4.69 -3.50 1.77
CA SER A 90 4.94 -2.77 3.01
C SER A 90 4.09 -3.33 4.15
N LEU A 91 3.04 -4.05 3.80
CA LEU A 91 2.15 -4.64 4.79
C LEU A 91 2.75 -5.92 5.37
N LYS A 92 3.03 -6.88 4.51
CA LYS A 92 3.62 -8.14 4.93
C LYS A 92 4.83 -7.90 5.84
N GLN A 93 5.99 -7.70 5.23
CA GLN A 93 7.22 -7.45 5.98
C GLN A 93 7.97 -6.26 5.41
N HIS A 94 8.67 -6.47 4.29
CA HIS A 94 9.43 -5.41 3.66
C HIS A 94 9.70 -5.74 2.19
N LYS A 95 8.86 -6.59 1.62
CA LYS A 95 9.00 -6.99 0.23
C LYS A 95 9.04 -5.77 -0.69
N ASP A 96 8.62 -4.63 -0.16
CA ASP A 96 8.61 -3.40 -0.93
C ASP A 96 9.95 -3.16 -1.61
N GLU A 97 11.01 -3.71 -1.02
CA GLU A 97 12.35 -3.55 -1.57
C GLU A 97 12.40 -4.04 -3.02
N VAL A 98 11.98 -5.28 -3.24
CA VAL A 98 11.98 -5.86 -4.57
C VAL A 98 11.49 -7.31 -4.54
N SER A 99 10.71 -7.69 -5.55
CA SER A 99 10.17 -9.04 -5.63
C SER A 99 10.86 -9.84 -6.74
N GLY A 100 11.98 -10.46 -6.40
CA GLY A 100 12.72 -11.24 -7.36
C GLY A 100 12.35 -12.71 -7.34
N ASP A 101 12.71 -13.39 -6.25
CA ASP A 101 12.41 -14.81 -6.09
C ASP A 101 10.91 -15.04 -6.03
N ILE A 102 10.23 -14.26 -5.19
CA ILE A 102 8.78 -14.38 -5.02
C ILE A 102 8.06 -14.13 -6.34
N LEU A 103 8.57 -13.18 -7.11
CA LEU A 103 7.97 -12.84 -8.40
C LEU A 103 7.89 -14.07 -9.31
N ASP A 104 9.04 -14.68 -9.57
CA ASP A 104 9.11 -15.87 -10.42
C ASP A 104 8.48 -17.07 -9.71
N MET A 105 8.70 -17.16 -8.40
CA MET A 105 8.18 -18.26 -7.61
C MET A 105 6.66 -18.32 -7.70
N LEU A 106 6.02 -17.16 -7.55
CA LEU A 106 4.57 -17.07 -7.61
C LEU A 106 4.09 -16.94 -9.06
N LEU A 107 4.70 -16.03 -9.80
CA LEU A 107 4.34 -15.81 -11.20
C LEU A 107 4.21 -17.15 -11.94
N THR A 108 5.04 -18.11 -11.57
CA THR A 108 5.01 -19.43 -12.19
C THR A 108 3.57 -19.92 -12.37
N PHE A 109 2.75 -19.73 -11.34
CA PHE A 109 1.36 -20.15 -11.38
C PHE A 109 0.44 -19.03 -10.94
N THR A 110 0.71 -18.49 -9.76
CA THR A 110 -0.11 -17.40 -9.20
C THR A 110 0.53 -16.04 -9.50
N ASP A 111 0.01 -15.36 -10.52
CA ASP A 111 0.53 -14.06 -10.90
C ASP A 111 -0.47 -12.96 -10.57
N PHE A 112 0.02 -11.74 -10.40
CA PHE A 112 -0.84 -10.61 -10.09
C PHE A 112 -1.92 -10.43 -11.14
N MET A 113 -1.72 -11.04 -12.31
CA MET A 113 -2.69 -10.96 -13.40
C MET A 113 -4.11 -10.99 -12.86
N ALA A 114 -4.40 -11.97 -12.02
CA ALA A 114 -5.73 -12.12 -11.44
C ALA A 114 -5.94 -11.13 -10.29
N PHE A 115 -5.04 -11.17 -9.32
CA PHE A 115 -5.13 -10.28 -8.17
C PHE A 115 -5.11 -8.81 -8.61
N LYS A 116 -4.00 -8.40 -9.20
CA LYS A 116 -3.84 -7.03 -9.67
C LYS A 116 -5.04 -6.60 -10.52
N GLU A 117 -5.52 -7.52 -11.36
CA GLU A 117 -6.67 -7.24 -12.22
C GLU A 117 -7.79 -6.58 -11.43
N MET A 118 -8.28 -7.27 -10.41
CA MET A 118 -9.36 -6.74 -9.57
C MET A 118 -8.82 -5.76 -8.55
N PHE A 119 -7.80 -6.18 -7.80
CA PHE A 119 -7.20 -5.33 -6.79
C PHE A 119 -6.80 -3.97 -7.37
N THR A 120 -5.91 -4.00 -8.34
CA THR A 120 -5.44 -2.78 -8.99
C THR A 120 -6.60 -1.98 -9.55
N ASP A 121 -7.52 -2.66 -10.22
CA ASP A 121 -8.69 -2.02 -10.82
C ASP A 121 -9.41 -1.16 -9.77
N TYR A 122 -9.55 -1.69 -8.57
CA TYR A 122 -10.22 -0.97 -7.49
C TYR A 122 -9.29 0.07 -6.87
N ARG A 123 -8.15 -0.39 -6.38
CA ARG A 123 -7.17 0.51 -5.76
C ARG A 123 -6.89 1.71 -6.65
N ALA A 124 -6.68 1.45 -7.95
CA ALA A 124 -6.40 2.51 -8.90
C ALA A 124 -7.62 3.38 -9.14
N GLU A 125 -8.68 2.79 -9.68
CA GLU A 125 -9.91 3.52 -9.95
C GLU A 125 -10.35 4.32 -8.73
N LYS A 126 -9.93 3.87 -7.55
CA LYS A 126 -10.27 4.55 -6.31
C LYS A 126 -9.60 5.92 -6.22
N GLU A 127 -8.29 5.95 -6.48
CA GLU A 127 -7.54 7.19 -6.43
C GLU A 127 -7.87 8.08 -7.63
N GLY A 128 -8.52 7.49 -8.63
CA GLY A 128 -8.89 8.23 -9.82
C GLY A 128 -8.12 7.77 -11.04
N ARG A 129 -7.95 6.45 -11.18
CA ARG A 129 -7.22 5.89 -12.31
C ARG A 129 -7.55 6.65 -13.60
N GLY A 130 -8.82 6.66 -13.97
CA GLY A 130 -9.24 7.35 -15.18
C GLY A 130 -10.06 8.59 -14.87
#